data_5XOM
#
_entry.id   5XOM
#
_cell.length_a   80.221
_cell.length_b   123.222
_cell.length_c   144.394
_cell.angle_alpha   90.00
_cell.angle_beta   90.00
_cell.angle_gamma   90.00
#
_symmetry.space_group_name_H-M   'P 21 21 21'
#
loop_
_entity.id
_entity.type
_entity.pdbx_description
1 polymer 'Glycosaminoglycan xylosylkinase'
2 non-polymer 2-acetamido-2-deoxy-beta-D-glucopyranose
3 water water
#
_entity_poly.entity_id   1
_entity_poly.type   'polypeptide(L)'
_entity_poly.pdbx_seq_one_letter_code
;GSKLETKQRSPVEIIDDVKDEIQKRELIYDALHKLNSPNEEKEYFNIHAWDVWHDMISVRALTVDSDVEIYKVLKAMSSA
KITQATTGYKGTQLKAMFSLDGPQIQNVVFKPKRYSRNKIILGTPYEGYDRHNAEIAAFHLDRLLGFYRAPPVVGRYINL
AAEVLPVAAKKLATTFIKDKDENLCFYGKCLYCNRKEPACASNVTMEGALILWLPEKWPVLKLPHPWRRTYNKKMAKWET
DSHYCESVVIKEPYTKGPRLLDLIDTSIFDFLIGNADRHHYEYIENENGSMVIHLDNAKSFGNPFVDEKSILSPLVQCCR
LRSSTYNRLKIATSNENSLSVLLDKRLSIDPIYPILTSDHLLALDRRLLLVQDAVEKCFKEKNKENVIIEDHL
;
_entity_poly.pdbx_strand_id   A,B
#
loop_
_chem_comp.id
_chem_comp.type
_chem_comp.name
_chem_comp.formula
NAG D-saccharide, beta linking 2-acetamido-2-deoxy-beta-D-glucopyranose 'C8 H15 N O6'
#
# COMPACT_ATOMS: atom_id res chain seq x y z
N GLU A 43 -2.88 -19.95 13.10
CA GLU A 43 -3.39 -19.11 12.02
C GLU A 43 -2.26 -18.26 11.41
N TYR A 44 -2.49 -17.75 10.21
CA TYR A 44 -1.43 -17.26 9.35
C TYR A 44 -1.71 -15.87 8.81
N PHE A 45 -0.64 -15.10 8.63
CA PHE A 45 -0.66 -13.81 7.92
C PHE A 45 -1.42 -12.71 8.67
N ASN A 46 -1.37 -12.71 10.00
CA ASN A 46 -2.15 -11.73 10.77
C ASN A 46 -1.31 -10.50 11.08
N ILE A 47 -1.87 -9.32 10.80
CA ILE A 47 -1.31 -8.04 11.21
C ILE A 47 -2.42 -7.24 11.90
N HIS A 48 -2.14 -6.73 13.10
CA HIS A 48 -3.15 -5.95 13.79
C HIS A 48 -3.16 -4.50 13.33
N ALA A 49 -4.35 -3.91 13.29
CA ALA A 49 -4.52 -2.57 12.75
C ALA A 49 -3.69 -1.53 13.51
N TRP A 50 -3.56 -1.67 14.83
CA TRP A 50 -2.81 -0.64 15.53
C TRP A 50 -1.33 -0.68 15.15
N ASP A 51 -0.82 -1.85 14.77
CA ASP A 51 0.55 -1.92 14.26
C ASP A 51 0.65 -1.29 12.88
N VAL A 52 -0.37 -1.48 12.04
CA VAL A 52 -0.41 -0.81 10.74
C VAL A 52 -0.32 0.69 10.91
N TRP A 53 -1.04 1.23 11.90
CA TRP A 53 -1.00 2.67 12.18
C TRP A 53 0.38 3.10 12.65
N HIS A 54 0.97 2.36 13.59
CA HIS A 54 2.26 2.76 14.13
C HIS A 54 3.36 2.71 13.07
N ASP A 55 3.28 1.75 12.14
CA ASP A 55 4.34 1.55 11.16
C ASP A 55 4.20 2.42 9.91
N MET A 56 3.04 3.03 9.66
CA MET A 56 2.90 3.78 8.42
C MET A 56 3.41 5.21 8.53
N ILE A 57 3.65 5.71 9.75
CA ILE A 57 4.06 7.10 9.93
C ILE A 57 5.54 7.27 9.61
N SER A 58 5.85 8.29 8.83
CA SER A 58 7.20 8.81 8.65
C SER A 58 7.15 10.32 8.82
N VAL A 59 8.32 10.95 8.83
CA VAL A 59 8.36 12.37 9.20
C VAL A 59 7.70 13.26 8.14
N ARG A 60 7.51 12.75 6.92
CA ARG A 60 6.84 13.52 5.88
C ARG A 60 5.50 12.93 5.46
N ALA A 61 4.93 12.00 6.23
CA ALA A 61 3.63 11.45 5.89
C ALA A 61 3.06 10.72 7.09
N LEU A 62 1.87 11.13 7.54
CA LEU A 62 1.19 10.38 8.58
C LEU A 62 0.42 9.20 8.02
N THR A 63 -0.10 9.32 6.80
CA THR A 63 -0.85 8.26 6.16
C THR A 63 -0.29 8.02 4.77
N VAL A 64 -0.77 6.95 4.13
CA VAL A 64 -0.24 6.47 2.86
C VAL A 64 -1.36 6.36 1.84
N ASP A 65 -0.96 6.20 0.58
CA ASP A 65 -1.89 6.09 -0.53
C ASP A 65 -2.72 4.81 -0.48
N SER A 66 -2.22 3.77 0.19
CA SER A 66 -2.85 2.45 0.20
C SER A 66 -4.20 2.49 0.90
N ASP A 67 -5.28 2.27 0.14
CA ASP A 67 -6.60 2.16 0.74
C ASP A 67 -6.73 0.92 1.61
N VAL A 68 -6.01 -0.16 1.25
CA VAL A 68 -6.08 -1.38 2.05
C VAL A 68 -5.57 -1.12 3.46
N GLU A 69 -4.43 -0.45 3.57
CA GLU A 69 -3.85 -0.17 4.89
C GLU A 69 -4.72 0.79 5.68
N ILE A 70 -5.25 1.84 5.03
CA ILE A 70 -6.04 2.84 5.73
C ILE A 70 -7.40 2.29 6.13
N TYR A 71 -8.08 1.59 5.21
CA TYR A 71 -9.38 1.00 5.57
C TYR A 71 -9.24 -0.01 6.69
N LYS A 72 -8.12 -0.72 6.74
CA LYS A 72 -7.88 -1.66 7.84
C LYS A 72 -7.88 -0.93 9.18
N VAL A 73 -7.25 0.25 9.22
CA VAL A 73 -7.21 1.03 10.46
C VAL A 73 -8.59 1.63 10.75
N LEU A 74 -9.25 2.20 9.73
CA LEU A 74 -10.57 2.80 9.93
C LEU A 74 -11.57 1.75 10.41
N LYS A 75 -11.54 0.55 9.82
CA LYS A 75 -12.45 -0.50 10.25
C LYS A 75 -12.25 -0.84 11.72
N ALA A 76 -11.00 -0.90 12.17
CA ALA A 76 -10.75 -1.20 13.57
C ALA A 76 -11.24 -0.09 14.49
N MET A 77 -11.01 1.17 14.10
CA MET A 77 -11.56 2.30 14.86
C MET A 77 -13.08 2.22 14.93
N SER A 78 -13.70 1.78 13.84
CA SER A 78 -15.16 1.77 13.78
C SER A 78 -15.77 0.76 14.75
N SER A 79 -15.09 -0.37 14.98
CA SER A 79 -15.69 -1.47 15.72
C SER A 79 -15.01 -1.82 17.04
N ALA A 80 -13.82 -1.28 17.33
CA ALA A 80 -13.10 -1.66 18.53
C ALA A 80 -13.89 -1.34 19.80
N LYS A 81 -13.82 -2.25 20.76
CA LYS A 81 -14.45 -2.04 22.06
C LYS A 81 -13.76 -0.92 22.83
N ILE A 82 -14.56 -0.07 23.47
CA ILE A 82 -14.05 1.00 24.31
C ILE A 82 -13.79 0.45 25.71
N THR A 83 -12.54 0.54 26.17
CA THR A 83 -12.19 0.01 27.48
C THR A 83 -12.06 1.08 28.56
N GLN A 84 -11.86 2.34 28.18
CA GLN A 84 -11.80 3.45 29.13
C GLN A 84 -12.33 4.69 28.44
N ALA A 85 -12.85 5.63 29.24
CA ALA A 85 -13.32 6.91 28.72
C ALA A 85 -13.10 7.99 29.77
N THR A 86 -12.59 9.14 29.34
CA THR A 86 -12.37 10.26 30.23
C THR A 86 -12.48 11.57 29.47
N THR A 87 -12.23 12.67 30.19
CA THR A 87 -12.28 14.01 29.64
C THR A 87 -11.37 14.89 30.49
N GLY A 88 -10.96 16.04 29.93
CA GLY A 88 -9.93 16.85 30.54
C GLY A 88 -10.36 18.27 30.87
N TYR A 89 -9.56 18.93 31.69
CA TYR A 89 -9.78 20.32 32.06
C TYR A 89 -9.16 21.29 31.08
N LYS A 90 -8.18 20.82 30.31
CA LYS A 90 -7.47 21.65 29.35
C LYS A 90 -8.27 21.79 28.06
N GLY A 91 -8.08 22.91 27.39
CA GLY A 91 -8.69 23.13 26.09
C GLY A 91 -9.95 23.98 26.17
N THR A 92 -10.45 24.30 24.99
CA THR A 92 -11.61 25.16 24.82
C THR A 92 -12.87 24.39 24.41
N GLN A 93 -12.71 23.15 23.95
CA GLN A 93 -13.77 22.42 23.27
C GLN A 93 -14.19 21.19 24.06
N LEU A 94 -15.48 20.89 24.02
CA LEU A 94 -15.98 19.69 24.69
C LEU A 94 -15.61 18.48 23.84
N LYS A 95 -14.93 17.51 24.46
CA LYS A 95 -14.58 16.27 23.82
C LYS A 95 -14.35 15.22 24.90
N ALA A 96 -14.11 13.99 24.47
CA ALA A 96 -13.77 12.90 25.35
C ALA A 96 -12.57 12.16 24.78
N MET A 97 -11.97 11.30 25.59
CA MET A 97 -10.86 10.45 25.14
C MET A 97 -11.25 9.00 25.42
N PHE A 98 -11.22 8.16 24.38
CA PHE A 98 -11.54 6.75 24.49
C PHE A 98 -10.29 5.90 24.33
N SER A 99 -10.17 4.86 25.14
CA SER A 99 -9.16 3.82 24.95
C SER A 99 -9.82 2.66 24.21
N LEU A 100 -9.30 2.32 23.03
CA LEU A 100 -9.83 1.20 22.27
C LEU A 100 -8.99 -0.06 22.50
N ASP A 101 -9.68 -1.19 22.55
CA ASP A 101 -9.07 -2.47 22.88
C ASP A 101 -8.18 -2.95 21.74
N GLY A 102 -7.27 -3.86 22.09
CA GLY A 102 -6.37 -4.48 21.14
C GLY A 102 -5.23 -5.15 21.89
N PRO A 103 -4.31 -5.79 21.16
CA PRO A 103 -3.11 -6.32 21.82
C PRO A 103 -2.38 -5.24 22.59
N GLN A 104 -2.34 -4.04 22.04
CA GLN A 104 -1.99 -2.82 22.75
C GLN A 104 -3.19 -1.88 22.70
N ILE A 105 -3.30 -0.99 23.69
CA ILE A 105 -4.40 -0.05 23.75
C ILE A 105 -4.15 1.10 22.78
N GLN A 106 -5.19 1.53 22.07
CA GLN A 106 -5.10 2.65 21.14
C GLN A 106 -6.08 3.73 21.56
N ASN A 107 -5.55 4.91 21.88
CA ASN A 107 -6.38 6.04 22.29
C ASN A 107 -6.89 6.82 21.08
N VAL A 108 -8.10 7.37 21.22
CA VAL A 108 -8.69 8.27 20.25
C VAL A 108 -9.31 9.47 20.96
N VAL A 109 -9.34 10.60 20.27
CA VAL A 109 -10.18 11.72 20.66
C VAL A 109 -11.60 11.47 20.13
N PHE A 110 -12.62 11.75 20.94
CA PHE A 110 -14.01 11.64 20.53
C PHE A 110 -14.65 13.02 20.48
N LYS A 111 -15.06 13.44 19.29
CA LYS A 111 -15.74 14.72 19.10
C LYS A 111 -17.22 14.49 18.83
N PRO A 112 -18.11 14.83 19.75
CA PRO A 112 -19.54 14.58 19.54
C PRO A 112 -20.14 15.55 18.54
N LYS A 113 -21.22 15.10 17.90
CA LYS A 113 -22.05 15.98 17.09
C LYS A 113 -22.62 17.13 17.92
N ARG A 114 -22.55 18.35 17.36
CA ARG A 114 -23.06 19.54 18.04
C ARG A 114 -24.04 20.34 17.19
N TYR A 115 -24.12 20.08 15.88
CA TYR A 115 -24.95 20.85 14.98
C TYR A 115 -25.61 19.92 13.99
N SER A 116 -26.69 20.40 13.38
CA SER A 116 -27.21 19.74 12.19
C SER A 116 -26.25 19.91 11.02
N ARG A 117 -26.39 19.02 10.03
CA ARG A 117 -25.52 19.09 8.85
C ARG A 117 -25.70 20.39 8.10
N ASN A 118 -26.89 20.98 8.14
CA ASN A 118 -27.17 22.17 7.35
C ASN A 118 -27.10 23.45 8.17
N LYS A 119 -26.55 23.41 9.39
CA LYS A 119 -26.38 24.63 10.15
C LYS A 119 -25.44 25.60 9.44
N ILE A 120 -25.84 26.86 9.38
CA ILE A 120 -25.00 27.94 8.86
C ILE A 120 -24.45 28.67 10.08
N ILE A 121 -23.12 28.71 10.22
CA ILE A 121 -22.46 29.32 11.37
C ILE A 121 -22.07 30.74 10.97
N LEU A 122 -22.70 31.75 11.56
CA LEU A 122 -22.31 33.12 11.28
C LEU A 122 -21.39 33.63 12.38
N GLY A 123 -21.14 34.92 12.37
CA GLY A 123 -20.17 35.53 13.26
C GLY A 123 -18.74 35.51 12.74
N THR A 124 -17.81 35.58 13.68
CA THR A 124 -16.38 35.51 13.40
C THR A 124 -16.06 34.28 12.56
N PRO A 125 -15.02 34.35 11.70
CA PRO A 125 -14.62 33.17 10.91
C PRO A 125 -14.34 31.90 11.72
N TYR A 126 -14.16 32.04 13.03
CA TYR A 126 -13.77 30.93 13.92
C TYR A 126 -14.88 30.55 14.89
N GLU A 127 -16.09 31.05 14.67
CA GLU A 127 -17.19 30.91 15.61
C GLU A 127 -17.56 29.43 15.80
N GLY A 128 -18.07 29.10 16.99
CA GLY A 128 -18.85 27.90 17.24
C GLY A 128 -18.05 26.74 17.82
N TYR A 129 -18.76 25.63 18.01
CA TYR A 129 -18.19 24.39 18.49
C TYR A 129 -17.46 23.67 17.37
N ASP A 130 -16.59 22.74 17.78
CA ASP A 130 -15.99 21.80 16.82
C ASP A 130 -17.09 21.01 16.12
N ARG A 131 -16.98 20.89 14.79
CA ARG A 131 -17.89 20.08 13.98
C ARG A 131 -17.27 18.70 13.78
N HIS A 132 -17.94 17.67 14.30
CA HIS A 132 -17.43 16.31 14.19
C HIS A 132 -17.33 15.87 12.73
N ASN A 133 -18.31 16.25 11.91
CA ASN A 133 -18.30 15.82 10.52
C ASN A 133 -17.22 16.53 9.73
N ALA A 134 -16.77 17.69 10.21
CA ALA A 134 -15.68 18.39 9.55
C ALA A 134 -14.37 17.63 9.70
N GLU A 135 -14.14 17.00 10.86
CA GLU A 135 -12.93 16.20 11.04
C GLU A 135 -12.89 15.07 10.04
N ILE A 136 -14.03 14.40 9.81
CA ILE A 136 -14.08 13.31 8.85
C ILE A 136 -13.79 13.81 7.44
N ALA A 137 -14.46 14.89 7.03
CA ALA A 137 -14.26 15.41 5.69
C ALA A 137 -12.84 15.91 5.50
N ALA A 138 -12.28 16.59 6.51
CA ALA A 138 -10.93 17.12 6.39
C ALA A 138 -9.90 15.99 6.26
N PHE A 139 -10.11 14.88 6.97
CA PHE A 139 -9.15 13.79 6.86
C PHE A 139 -9.15 13.18 5.46
N HIS A 140 -10.34 12.94 4.89
CA HIS A 140 -10.36 12.36 3.55
C HIS A 140 -9.88 13.35 2.50
N LEU A 141 -10.13 14.64 2.69
CA LEU A 141 -9.63 15.60 1.73
C LEU A 141 -8.11 15.70 1.82
N ASP A 142 -7.56 15.48 3.00
CA ASP A 142 -6.11 15.50 3.18
C ASP A 142 -5.45 14.38 2.38
N ARG A 143 -6.08 13.21 2.32
CA ARG A 143 -5.56 12.13 1.48
C ARG A 143 -5.83 12.41 0.01
N LEU A 144 -7.03 12.91 -0.32
CA LEU A 144 -7.38 13.18 -1.71
C LEU A 144 -6.43 14.18 -2.35
N LEU A 145 -6.04 15.22 -1.61
CA LEU A 145 -5.12 16.21 -2.14
C LEU A 145 -3.66 15.78 -2.06
N GLY A 146 -3.37 14.62 -1.50
CA GLY A 146 -2.00 14.12 -1.45
C GLY A 146 -1.14 14.73 -0.36
N PHE A 147 -1.74 15.40 0.63
CA PHE A 147 -0.95 15.94 1.73
C PHE A 147 -0.53 14.82 2.69
N TYR A 148 -1.45 13.94 3.04
CA TYR A 148 -1.20 12.80 3.94
C TYR A 148 -0.63 13.24 5.30
N ARG A 149 -1.17 14.34 5.84
CA ARG A 149 -0.72 14.92 7.09
C ARG A 149 -1.77 14.91 8.19
N ALA A 150 -2.89 14.23 7.98
CA ALA A 150 -3.99 14.21 8.94
C ALA A 150 -4.12 12.81 9.55
N PRO A 151 -4.26 12.70 10.86
CA PRO A 151 -4.48 11.41 11.50
C PRO A 151 -5.87 10.81 11.05
N PRO A 152 -5.94 9.49 10.98
CA PRO A 152 -7.22 8.86 10.59
C PRO A 152 -8.39 9.27 11.48
N VAL A 153 -9.54 9.49 10.83
CA VAL A 153 -10.79 9.86 11.49
C VAL A 153 -11.91 8.94 10.99
N VAL A 154 -12.77 8.49 11.91
CA VAL A 154 -13.94 7.72 11.54
C VAL A 154 -15.16 8.24 12.29
N GLY A 155 -16.31 8.21 11.60
CA GLY A 155 -17.57 8.46 12.26
C GLY A 155 -18.07 7.22 12.98
N ARG A 156 -18.81 7.43 14.06
CA ARG A 156 -19.32 6.29 14.79
C ARG A 156 -20.51 6.68 15.65
N TYR A 157 -21.48 5.77 15.76
CA TYR A 157 -22.60 5.92 16.67
C TYR A 157 -22.28 5.21 17.98
N ILE A 158 -22.17 5.97 19.06
CA ILE A 158 -21.75 5.46 20.36
C ILE A 158 -22.98 5.29 21.24
N ASN A 159 -23.18 4.08 21.77
CA ASN A 159 -24.19 3.87 22.80
C ASN A 159 -23.58 4.31 24.13
N LEU A 160 -23.96 5.50 24.60
CA LEU A 160 -23.35 6.03 25.82
C LEU A 160 -23.63 5.14 27.02
N ALA A 161 -24.84 4.59 27.10
CA ALA A 161 -25.21 3.78 28.26
C ALA A 161 -24.43 2.47 28.32
N ALA A 162 -24.28 1.79 27.18
CA ALA A 162 -23.62 0.49 27.17
C ALA A 162 -22.11 0.56 27.02
N GLU A 163 -21.58 1.57 26.31
CA GLU A 163 -20.16 1.58 25.98
C GLU A 163 -19.32 2.58 26.78
N VAL A 164 -19.88 3.71 27.20
CA VAL A 164 -19.11 4.76 27.84
C VAL A 164 -19.29 4.75 29.36
N LEU A 165 -20.54 4.80 29.82
CA LEU A 165 -20.77 4.90 31.27
C LEU A 165 -20.11 3.79 32.09
N PRO A 166 -20.14 2.51 31.70
CA PRO A 166 -19.51 1.49 32.56
C PRO A 166 -17.99 1.54 32.62
N VAL A 167 -17.33 2.40 31.84
CA VAL A 167 -15.87 2.48 31.88
C VAL A 167 -15.43 3.94 32.00
N ALA A 168 -16.37 4.83 32.32
CA ALA A 168 -16.05 6.25 32.35
C ALA A 168 -15.36 6.60 33.66
N ALA A 169 -14.28 7.37 33.56
CA ALA A 169 -13.67 7.90 34.77
C ALA A 169 -14.61 8.92 35.41
N LYS A 170 -14.44 9.10 36.73
CA LYS A 170 -15.30 10.05 37.43
C LYS A 170 -15.29 11.44 36.81
N LYS A 171 -14.14 11.88 36.32
CA LYS A 171 -14.05 13.22 35.75
C LYS A 171 -15.08 13.42 34.65
N LEU A 172 -15.31 12.38 33.85
CA LEU A 172 -16.28 12.44 32.77
C LEU A 172 -17.68 12.08 33.25
N ALA A 173 -17.80 11.00 34.04
CA ALA A 173 -19.11 10.52 34.46
C ALA A 173 -19.93 11.58 35.19
N THR A 174 -19.27 12.40 36.02
CA THR A 174 -20.02 13.40 36.78
C THR A 174 -20.56 14.54 35.93
N THR A 175 -20.30 14.58 34.62
CA THR A 175 -20.87 15.60 33.77
C THR A 175 -21.97 15.03 32.86
N PHE A 176 -22.40 13.81 33.11
CA PHE A 176 -23.54 13.27 32.39
C PHE A 176 -24.83 13.79 32.99
N ILE A 177 -25.75 14.21 32.11
CA ILE A 177 -27.05 14.73 32.52
C ILE A 177 -28.09 14.29 31.49
N LYS A 178 -29.36 14.54 31.80
CA LYS A 178 -30.42 14.41 30.82
C LYS A 178 -30.95 15.78 30.47
N ASP A 179 -31.35 15.94 29.20
CA ASP A 179 -31.96 17.18 28.76
C ASP A 179 -33.47 17.13 28.97
N LYS A 180 -34.18 18.17 28.53
CA LYS A 180 -35.61 18.25 28.80
C LYS A 180 -36.39 17.13 28.11
N ASP A 181 -35.84 16.53 27.06
CA ASP A 181 -36.48 15.40 26.39
C ASP A 181 -35.94 14.07 26.89
N GLU A 182 -35.18 14.09 27.98
CA GLU A 182 -34.61 12.90 28.63
C GLU A 182 -33.61 12.17 27.73
N ASN A 183 -32.97 12.89 26.80
CA ASN A 183 -31.78 12.37 26.16
C ASN A 183 -30.60 12.38 27.11
N LEU A 184 -29.72 11.40 26.98
CA LEU A 184 -28.51 11.36 27.79
C LEU A 184 -27.45 12.24 27.16
N CYS A 185 -26.84 13.12 27.96
CA CYS A 185 -25.89 14.11 27.48
C CYS A 185 -24.69 14.14 28.42
N PHE A 186 -23.63 14.81 27.98
CA PHE A 186 -22.56 15.18 28.90
C PHE A 186 -21.99 16.53 28.48
N TYR A 187 -21.43 17.27 29.45
CA TYR A 187 -20.93 18.61 29.20
C TYR A 187 -19.45 18.82 29.48
N GLY A 188 -18.73 17.84 30.02
CA GLY A 188 -17.28 17.93 30.16
C GLY A 188 -16.80 18.92 31.22
N LYS A 189 -15.47 19.12 31.25
CA LYS A 189 -14.85 20.01 32.23
C LYS A 189 -13.83 20.98 31.62
N CYS A 190 -13.92 21.25 30.33
CA CYS A 190 -13.01 22.16 29.64
C CYS A 190 -13.32 23.61 30.06
N LEU A 191 -12.53 24.55 29.54
CA LEU A 191 -12.62 25.95 29.97
C LEU A 191 -14.02 26.51 29.78
N TYR A 192 -14.62 26.29 28.60
CA TYR A 192 -15.95 26.81 28.31
C TYR A 192 -17.03 25.76 28.52
N CYS A 193 -16.67 24.60 29.05
CA CYS A 193 -17.64 23.54 29.26
C CYS A 193 -18.54 23.89 30.44
N ASN A 194 -19.85 23.76 30.25
CA ASN A 194 -20.78 23.98 31.34
C ASN A 194 -22.09 23.26 31.06
N ARG A 195 -22.86 23.09 32.12
CA ARG A 195 -24.08 22.30 32.11
C ARG A 195 -25.12 22.84 31.12
N LYS A 196 -25.09 24.13 30.81
CA LYS A 196 -26.07 24.66 29.88
C LYS A 196 -25.69 24.43 28.41
N GLU A 197 -24.49 23.92 28.14
CA GLU A 197 -24.05 23.65 26.77
C GLU A 197 -23.58 22.21 26.65
N PRO A 198 -24.48 21.25 26.81
CA PRO A 198 -24.08 19.84 26.70
C PRO A 198 -24.09 19.36 25.26
N ALA A 199 -23.35 18.28 25.03
CA ALA A 199 -23.51 17.46 23.84
C ALA A 199 -24.51 16.36 24.18
N CYS A 200 -25.56 16.25 23.36
CA CYS A 200 -26.66 15.35 23.66
C CYS A 200 -26.79 14.27 22.60
N ALA A 201 -27.10 13.05 23.05
CA ALA A 201 -27.39 11.92 22.19
C ALA A 201 -28.83 11.97 21.70
N SER A 202 -29.16 11.02 20.81
CA SER A 202 -30.55 10.66 20.49
C SER A 202 -30.92 9.47 21.36
N ASN A 203 -31.71 9.72 22.42
CA ASN A 203 -31.97 8.82 23.55
C ASN A 203 -30.61 8.52 24.16
N VAL A 204 -29.95 7.42 23.83
CA VAL A 204 -28.61 7.15 24.34
C VAL A 204 -27.56 6.99 23.25
N THR A 205 -27.92 7.15 21.98
CA THR A 205 -26.99 6.93 20.88
C THR A 205 -26.40 8.26 20.43
N MET A 206 -25.09 8.43 20.62
CA MET A 206 -24.44 9.70 20.30
C MET A 206 -23.54 9.54 19.09
N GLU A 207 -23.82 10.34 18.06
CA GLU A 207 -22.99 10.41 16.87
C GLU A 207 -21.77 11.27 17.12
N GLY A 208 -20.62 10.84 16.59
CA GLY A 208 -19.42 11.64 16.71
C GLY A 208 -18.32 11.12 15.81
N ALA A 209 -17.15 11.75 15.95
CA ALA A 209 -15.97 11.39 15.19
C ALA A 209 -14.86 10.95 16.14
N LEU A 210 -14.13 9.91 15.75
CA LEU A 210 -12.98 9.41 16.49
C LEU A 210 -11.71 9.75 15.71
N ILE A 211 -10.74 10.35 16.40
CA ILE A 211 -9.46 10.73 15.79
C ILE A 211 -8.34 10.01 16.53
N LEU A 212 -7.51 9.27 15.79
CA LEU A 212 -6.42 8.51 16.39
C LEU A 212 -5.36 9.41 17.01
N TRP A 213 -4.91 9.03 18.19
CA TRP A 213 -3.67 9.56 18.74
C TRP A 213 -2.49 9.16 17.90
N LEU A 214 -1.55 10.08 17.75
CA LEU A 214 -0.23 9.72 17.24
C LEU A 214 0.49 8.86 18.28
N PRO A 215 1.27 7.88 17.86
CA PRO A 215 2.02 7.07 18.83
C PRO A 215 3.07 7.92 19.54
N GLU A 216 3.53 7.39 20.68
CA GLU A 216 4.47 8.13 21.54
C GLU A 216 5.77 8.41 20.81
N LYS A 217 6.17 7.54 19.89
CA LYS A 217 7.38 7.75 19.10
C LYS A 217 7.35 9.06 18.30
N TRP A 218 6.18 9.65 18.11
CA TRP A 218 6.02 10.86 17.31
C TRP A 218 5.44 11.99 18.15
N PRO A 219 6.25 12.58 19.03
CA PRO A 219 5.77 13.71 19.82
C PRO A 219 5.50 14.93 18.94
N VAL A 220 4.56 15.74 19.39
CA VAL A 220 4.09 16.90 18.63
C VAL A 220 4.53 18.16 19.36
N LEU A 221 5.11 19.10 18.61
CA LEU A 221 5.49 20.41 19.14
C LEU A 221 4.62 21.49 18.53
N LYS A 222 4.30 22.51 19.34
CA LYS A 222 3.37 23.56 18.96
C LYS A 222 4.07 24.92 18.98
N LEU A 223 3.83 25.72 17.95
CA LEU A 223 4.31 27.09 17.85
C LEU A 223 3.18 28.00 17.38
N PRO A 224 3.24 29.28 17.72
CA PRO A 224 2.23 30.22 17.22
C PRO A 224 2.36 30.40 15.71
N HIS A 225 1.21 30.49 15.04
CA HIS A 225 1.19 30.69 13.59
C HIS A 225 1.50 32.16 13.28
N PRO A 226 2.50 32.43 12.44
CA PRO A 226 2.82 33.84 12.10
C PRO A 226 1.62 34.60 11.56
N TRP A 227 0.64 33.90 10.99
CA TRP A 227 -0.55 34.54 10.42
C TRP A 227 -1.78 34.38 11.30
N ARG A 228 -1.59 34.11 12.59
CA ARG A 228 -2.72 33.98 13.51
C ARG A 228 -3.49 35.29 13.62
N ARG A 229 -4.74 35.17 14.02
CA ARG A 229 -5.62 36.31 14.20
C ARG A 229 -5.45 36.88 15.61
N THR A 230 -6.05 38.05 15.82
CA THR A 230 -5.90 38.74 17.09
C THR A 230 -6.88 38.25 18.15
N TYR A 231 -8.04 37.75 17.72
CA TYR A 231 -9.10 37.31 18.64
C TYR A 231 -9.55 38.48 19.51
N ASN A 232 -9.62 39.64 18.88
CA ASN A 232 -10.21 40.87 19.40
C ASN A 232 -10.59 41.65 18.14
N LYS A 233 -10.70 42.98 18.25
CA LYS A 233 -11.01 43.80 17.08
C LYS A 233 -9.83 44.64 16.57
N LYS A 234 -8.71 44.69 17.31
CA LYS A 234 -7.40 45.06 16.79
C LYS A 234 -7.13 44.29 15.50
N MET A 235 -6.24 44.80 14.65
CA MET A 235 -5.85 44.03 13.48
C MET A 235 -4.46 43.48 13.64
N ALA A 236 -4.26 42.28 13.13
CA ALA A 236 -2.95 41.68 13.16
C ALA A 236 -2.03 42.32 12.13
N LYS A 237 -0.74 42.10 12.37
CA LYS A 237 0.30 42.79 11.64
C LYS A 237 0.22 42.46 10.17
N TRP A 238 -0.10 41.20 9.84
CA TRP A 238 -0.23 40.75 8.46
C TRP A 238 -1.46 41.34 7.76
N GLU A 239 -2.45 41.83 8.51
CA GLU A 239 -3.60 42.48 7.90
C GLU A 239 -3.28 43.89 7.47
N THR A 240 -2.28 44.52 8.10
CA THR A 240 -1.93 45.91 7.86
C THR A 240 -0.77 46.04 6.88
N ASP A 241 0.35 45.39 7.20
CA ASP A 241 1.49 45.30 6.31
C ASP A 241 1.18 44.37 5.14
N SER A 242 1.82 44.63 4.01
CA SER A 242 1.67 43.80 2.83
C SER A 242 2.97 43.14 2.40
N HIS A 243 4.10 43.59 2.95
CA HIS A 243 5.38 42.91 2.82
C HIS A 243 5.70 42.06 4.05
N TYR A 244 4.64 41.59 4.73
CA TYR A 244 4.79 40.89 6.00
C TYR A 244 5.60 39.60 5.88
N CYS A 245 5.49 38.88 4.75
CA CYS A 245 6.25 37.63 4.61
C CYS A 245 7.75 37.89 4.65
N GLU A 246 8.19 38.99 4.05
CA GLU A 246 9.59 39.38 4.10
C GLU A 246 10.10 39.44 5.54
N SER A 247 9.24 39.88 6.46
CA SER A 247 9.62 39.93 7.88
C SER A 247 9.68 38.54 8.51
N VAL A 248 8.79 37.63 8.09
CA VAL A 248 8.74 36.30 8.70
C VAL A 248 9.99 35.50 8.38
N VAL A 249 10.46 35.56 7.12
CA VAL A 249 11.55 34.71 6.66
C VAL A 249 12.89 35.02 7.30
N ILE A 250 13.00 36.08 8.11
CA ILE A 250 14.31 36.45 8.67
C ILE A 250 14.58 35.70 9.98
N LYS A 251 13.55 35.39 10.76
CA LYS A 251 13.75 34.60 11.97
C LYS A 251 13.54 33.10 11.68
N GLU A 252 14.13 32.27 12.52
CA GLU A 252 14.00 30.81 12.42
C GLU A 252 12.63 30.45 12.96
N PRO A 253 12.03 29.37 12.48
CA PRO A 253 12.42 28.33 11.52
C PRO A 253 11.92 28.59 10.10
N TYR A 254 11.64 29.85 9.78
CA TYR A 254 11.13 30.21 8.47
C TYR A 254 12.23 30.61 7.50
N THR A 255 13.49 30.60 7.92
CA THR A 255 14.58 31.02 7.02
C THR A 255 14.96 29.91 6.06
N LYS A 256 15.05 28.68 6.55
CA LYS A 256 15.47 27.53 5.74
C LYS A 256 14.54 26.37 6.02
N GLY A 257 14.63 25.34 5.18
CA GLY A 257 13.90 24.12 5.39
C GLY A 257 12.46 24.20 4.92
N PRO A 258 11.66 23.21 5.32
CA PRO A 258 10.29 23.07 4.79
C PRO A 258 9.21 23.81 5.55
N ARG A 259 9.52 24.55 6.62
CA ARG A 259 8.46 25.03 7.50
C ARG A 259 7.52 26.00 6.80
N LEU A 260 8.08 26.96 6.05
CA LEU A 260 7.21 27.98 5.48
C LEU A 260 6.37 27.43 4.33
N LEU A 261 6.96 26.54 3.52
CA LEU A 261 6.15 25.91 2.47
C LEU A 261 5.09 24.99 3.08
N ASP A 262 5.38 24.38 4.22
CA ASP A 262 4.35 23.62 4.93
C ASP A 262 3.18 24.52 5.32
N LEU A 263 3.48 25.69 5.88
CA LEU A 263 2.38 26.59 6.27
C LEU A 263 1.60 27.10 5.08
N ILE A 264 2.24 27.21 3.92
CA ILE A 264 1.53 27.62 2.71
C ILE A 264 0.63 26.48 2.21
N ASP A 265 1.16 25.24 2.21
CA ASP A 265 0.32 24.06 1.96
C ASP A 265 -0.90 24.06 2.88
N THR A 266 -0.67 24.22 4.18
CA THR A 266 -1.74 24.11 5.15
C THR A 266 -2.72 25.28 5.05
N SER A 267 -2.26 26.44 4.59
CA SER A 267 -3.18 27.55 4.40
C SER A 267 -4.13 27.29 3.24
N ILE A 268 -3.66 26.59 2.21
CA ILE A 268 -4.53 26.17 1.11
C ILE A 268 -5.55 25.15 1.62
N PHE A 269 -5.07 24.16 2.39
CA PHE A 269 -5.97 23.15 2.93
C PHE A 269 -6.99 23.78 3.88
N ASP A 270 -6.54 24.69 4.74
CA ASP A 270 -7.46 25.34 5.67
C ASP A 270 -8.45 26.25 4.93
N PHE A 271 -8.01 26.88 3.84
CA PHE A 271 -8.89 27.73 3.06
C PHE A 271 -10.00 26.91 2.40
N LEU A 272 -9.68 25.72 1.89
CA LEU A 272 -10.72 24.91 1.23
C LEU A 272 -11.78 24.46 2.22
N ILE A 273 -11.39 24.11 3.45
CA ILE A 273 -12.36 23.63 4.42
C ILE A 273 -12.96 24.74 5.26
N GLY A 274 -12.46 25.96 5.15
CA GLY A 274 -13.00 27.07 5.92
C GLY A 274 -12.51 27.13 7.35
N ASN A 275 -11.32 26.63 7.63
CA ASN A 275 -10.74 26.64 8.97
C ASN A 275 -9.92 27.92 9.14
N ALA A 276 -10.50 28.90 9.82
CA ALA A 276 -9.82 30.16 10.09
C ALA A 276 -9.21 30.21 11.47
N ASP A 277 -9.04 29.05 12.13
CA ASP A 277 -8.77 29.01 13.56
C ASP A 277 -7.47 28.28 13.89
N ARG A 278 -6.54 28.16 12.94
CA ARG A 278 -5.24 27.56 13.25
C ARG A 278 -4.27 28.65 13.72
N HIS A 279 -4.55 29.16 14.92
CA HIS A 279 -3.72 30.23 15.49
C HIS A 279 -2.39 29.69 16.01
N HIS A 280 -2.35 28.45 16.45
CA HIS A 280 -1.11 27.72 16.73
C HIS A 280 -1.06 26.49 15.83
N TYR A 281 0.09 26.22 15.24
CA TYR A 281 0.26 25.02 14.44
C TYR A 281 1.11 24.01 15.19
N GLU A 282 1.02 22.75 14.76
CA GLU A 282 1.72 21.65 15.40
C GLU A 282 2.49 20.85 14.35
N TYR A 283 3.62 20.30 14.77
CA TYR A 283 4.50 19.61 13.82
C TYR A 283 5.20 18.44 14.51
N ILE A 284 5.58 17.45 13.70
CA ILE A 284 6.40 16.35 14.14
C ILE A 284 7.83 16.61 13.65
N GLU A 285 8.79 15.92 14.26
CA GLU A 285 10.18 16.19 13.93
C GLU A 285 11.06 15.02 14.40
N ASN A 286 12.03 14.65 13.57
CA ASN A 286 13.07 13.71 13.94
C ASN A 286 14.34 14.10 13.20
N GLU A 287 15.30 13.17 13.11
CA GLU A 287 16.57 13.47 12.47
C GLU A 287 16.44 13.75 10.98
N ASN A 288 15.39 13.29 10.30
CA ASN A 288 15.31 13.44 8.84
C ASN A 288 14.44 14.64 8.44
N GLY A 289 14.00 15.47 9.37
CA GLY A 289 13.26 16.66 9.00
C GLY A 289 12.07 16.91 9.93
N SER A 290 11.11 17.70 9.44
CA SER A 290 9.93 18.05 10.21
C SER A 290 8.76 18.30 9.26
N MET A 291 7.56 18.29 9.81
CA MET A 291 6.36 18.54 9.01
C MET A 291 5.23 19.08 9.88
N VAL A 292 4.58 20.14 9.41
CA VAL A 292 3.37 20.63 10.04
C VAL A 292 2.22 19.69 9.72
N ILE A 293 1.51 19.23 10.75
CA ILE A 293 0.47 18.22 10.56
C ILE A 293 -0.90 18.88 10.65
N HIS A 294 -1.87 18.26 9.99
CA HIS A 294 -3.25 18.73 9.98
C HIS A 294 -4.00 18.07 11.12
N LEU A 295 -3.74 18.57 12.31
CA LEU A 295 -4.33 18.04 13.54
C LEU A 295 -5.34 19.06 14.08
N ASP A 296 -6.49 18.55 14.52
CA ASP A 296 -7.64 19.37 14.94
C ASP A 296 -8.13 20.26 13.80
N ASN A 297 -8.92 19.69 12.89
CA ASN A 297 -9.44 20.41 11.74
C ASN A 297 -10.94 20.67 11.87
N ALA A 298 -11.48 20.61 13.09
CA ALA A 298 -12.93 20.54 13.28
C ALA A 298 -13.63 21.89 13.20
N LYS A 299 -12.90 23.01 13.27
CA LYS A 299 -13.56 24.31 13.18
C LYS A 299 -13.59 24.75 11.72
N SER A 300 -14.32 23.95 10.95
CA SER A 300 -14.38 24.12 9.51
C SER A 300 -15.77 23.70 9.06
N PHE A 301 -16.03 23.91 7.77
CA PHE A 301 -17.35 23.65 7.17
C PHE A 301 -18.47 24.23 8.04
N GLY A 302 -18.28 25.47 8.47
CA GLY A 302 -19.30 26.19 9.22
C GLY A 302 -20.24 26.98 8.33
N ASN A 303 -19.78 27.44 7.17
CA ASN A 303 -20.64 28.21 6.28
C ASN A 303 -20.24 27.95 4.83
N PRO A 304 -21.11 27.31 4.05
CA PRO A 304 -20.76 26.94 2.67
C PRO A 304 -20.85 28.11 1.69
N PHE A 305 -21.30 29.27 2.12
CA PHE A 305 -21.53 30.40 1.21
C PHE A 305 -20.45 31.46 1.32
N VAL A 306 -19.56 31.38 2.30
CA VAL A 306 -18.54 32.38 2.53
C VAL A 306 -17.18 31.75 2.36
N ASP A 307 -16.30 32.44 1.63
CA ASP A 307 -14.91 32.03 1.44
C ASP A 307 -14.03 33.09 2.09
N GLU A 308 -13.34 32.72 3.17
CA GLU A 308 -12.52 33.70 3.92
C GLU A 308 -11.12 33.66 3.31
N LYS A 309 -10.89 34.56 2.37
CA LYS A 309 -9.61 34.60 1.65
C LYS A 309 -8.44 34.96 2.56
N SER A 310 -8.70 35.59 3.71
CA SER A 310 -7.62 35.87 4.64
C SER A 310 -6.89 34.61 5.09
N ILE A 311 -7.55 33.45 5.04
CA ILE A 311 -6.88 32.20 5.40
C ILE A 311 -5.70 31.93 4.47
N LEU A 312 -5.81 32.36 3.21
CA LEU A 312 -4.76 32.14 2.22
C LEU A 312 -3.62 33.13 2.33
N SER A 313 -3.59 33.97 3.36
CA SER A 313 -2.57 35.00 3.49
C SER A 313 -1.13 34.49 3.35
N PRO A 314 -0.73 33.34 3.91
CA PRO A 314 0.64 32.87 3.66
C PRO A 314 0.94 32.70 2.18
N LEU A 315 0.00 32.16 1.39
CA LEU A 315 0.26 32.03 -0.04
C LEU A 315 0.23 33.39 -0.74
N VAL A 316 -0.75 34.22 -0.41
CA VAL A 316 -0.93 35.49 -1.12
C VAL A 316 0.22 36.45 -0.84
N GLN A 317 0.69 36.50 0.40
CA GLN A 317 1.74 37.44 0.75
C GLN A 317 3.14 36.91 0.41
N CYS A 318 3.35 35.60 0.54
CA CYS A 318 4.67 35.03 0.28
C CYS A 318 4.92 34.71 -1.19
N CYS A 319 3.86 34.36 -1.93
CA CYS A 319 3.98 33.93 -3.33
C CYS A 319 5.10 32.91 -3.50
N ARG A 320 5.07 31.89 -2.65
CA ARG A 320 5.88 30.69 -2.83
C ARG A 320 4.95 29.49 -2.72
N LEU A 321 5.22 28.46 -3.51
CA LEU A 321 4.36 27.30 -3.53
C LEU A 321 5.19 26.09 -3.87
N ARG A 322 5.08 25.06 -3.04
CA ARG A 322 5.83 23.83 -3.26
C ARG A 322 5.40 23.18 -4.57
N SER A 323 6.39 22.67 -5.31
CA SER A 323 6.14 22.17 -6.66
C SER A 323 5.14 21.02 -6.66
N SER A 324 5.33 20.03 -5.78
CA SER A 324 4.43 18.88 -5.75
C SER A 324 2.99 19.32 -5.45
N THR A 325 2.83 20.31 -4.55
CA THR A 325 1.49 20.82 -4.26
C THR A 325 0.85 21.42 -5.50
N TYR A 326 1.61 22.25 -6.23
CA TYR A 326 1.10 22.86 -7.46
C TYR A 326 0.68 21.80 -8.46
N ASN A 327 1.51 20.76 -8.65
CA ASN A 327 1.18 19.71 -9.60
C ASN A 327 -0.12 19.00 -9.23
N ARG A 328 -0.31 18.70 -7.94
CA ARG A 328 -1.53 18.01 -7.53
C ARG A 328 -2.75 18.92 -7.65
N LEU A 329 -2.59 20.21 -7.35
CA LEU A 329 -3.68 21.17 -7.51
C LEU A 329 -4.10 21.30 -8.97
N LYS A 330 -3.15 21.18 -9.90
CA LYS A 330 -3.50 21.34 -11.30
C LYS A 330 -4.17 20.09 -11.85
N ILE A 331 -3.76 18.91 -11.36
CA ILE A 331 -4.48 17.68 -11.68
C ILE A 331 -5.91 17.72 -11.14
N ALA A 332 -6.10 18.33 -9.97
CA ALA A 332 -7.43 18.36 -9.36
C ALA A 332 -8.38 19.24 -10.15
N THR A 333 -7.89 20.35 -10.70
CA THR A 333 -8.75 21.24 -11.48
C THR A 333 -9.02 20.71 -12.88
N SER A 334 -8.16 19.86 -13.42
CA SER A 334 -8.30 19.36 -14.77
C SER A 334 -8.92 17.97 -14.85
N ASN A 335 -9.19 17.33 -13.72
CA ASN A 335 -9.90 16.06 -13.74
C ASN A 335 -11.28 16.25 -14.33
N GLU A 336 -11.83 15.19 -14.91
CA GLU A 336 -13.20 15.26 -15.41
C GLU A 336 -14.20 15.22 -14.27
N ASN A 337 -13.81 14.66 -13.12
CA ASN A 337 -14.61 14.68 -11.90
C ASN A 337 -14.06 15.76 -10.98
N SER A 338 -14.94 16.64 -10.51
CA SER A 338 -14.51 17.73 -9.65
C SER A 338 -13.99 17.19 -8.32
N LEU A 339 -13.29 18.07 -7.61
CA LEU A 339 -12.75 17.71 -6.30
C LEU A 339 -13.85 17.22 -5.36
N SER A 340 -15.01 17.86 -5.41
CA SER A 340 -16.08 17.48 -4.48
C SER A 340 -16.72 16.15 -4.88
N VAL A 341 -16.81 15.86 -6.17
CA VAL A 341 -17.33 14.56 -6.59
C VAL A 341 -16.41 13.44 -6.11
N LEU A 342 -15.09 13.62 -6.28
CA LEU A 342 -14.15 12.61 -5.81
C LEU A 342 -14.14 12.51 -4.29
N LEU A 343 -14.27 13.66 -3.60
CA LEU A 343 -14.25 13.61 -2.14
C LEU A 343 -15.47 12.89 -1.60
N ASP A 344 -16.65 13.14 -2.17
CA ASP A 344 -17.84 12.52 -1.63
C ASP A 344 -17.85 11.01 -1.85
N LYS A 345 -17.19 10.53 -2.90
CA LYS A 345 -17.08 9.07 -3.09
C LYS A 345 -16.33 8.42 -1.93
N ARG A 346 -15.29 9.08 -1.42
CA ARG A 346 -14.59 8.53 -0.27
C ARG A 346 -15.38 8.70 1.02
N LEU A 347 -16.11 9.81 1.15
CA LEU A 347 -16.89 10.00 2.37
C LEU A 347 -18.04 9.00 2.45
N SER A 348 -18.50 8.47 1.33
CA SER A 348 -19.63 7.55 1.30
C SER A 348 -19.33 6.23 1.97
N ILE A 349 -18.06 5.93 2.29
CA ILE A 349 -17.75 4.71 3.03
C ILE A 349 -17.89 4.89 4.54
N ASP A 350 -18.00 6.15 5.04
CA ASP A 350 -17.95 6.32 6.48
C ASP A 350 -19.30 5.99 7.10
N PRO A 351 -19.33 5.40 8.30
CA PRO A 351 -20.60 4.93 8.88
C PRO A 351 -21.63 6.02 9.12
N ILE A 352 -21.26 7.29 9.28
CA ILE A 352 -22.28 8.29 9.59
C ILE A 352 -22.59 9.17 8.37
N TYR A 353 -22.17 8.73 7.18
CA TYR A 353 -22.50 9.40 5.92
C TYR A 353 -24.01 9.60 5.74
N PRO A 354 -24.45 10.73 5.12
CA PRO A 354 -23.71 11.87 4.54
C PRO A 354 -22.88 12.68 5.54
N ILE A 355 -21.69 13.07 5.12
CA ILE A 355 -20.76 13.82 5.96
C ILE A 355 -20.91 15.33 5.73
N LEU A 356 -21.05 15.74 4.47
CA LEU A 356 -21.20 17.13 4.10
C LEU A 356 -22.45 17.31 3.25
N THR A 357 -23.09 18.47 3.40
CA THR A 357 -24.16 18.84 2.48
C THR A 357 -23.58 19.15 1.11
N SER A 358 -24.43 19.09 0.09
CA SER A 358 -23.96 19.40 -1.26
C SER A 358 -23.48 20.85 -1.36
N ASP A 359 -23.97 21.74 -0.50
CA ASP A 359 -23.50 23.12 -0.54
C ASP A 359 -22.05 23.25 -0.07
N HIS A 360 -21.65 22.48 0.95
CA HIS A 360 -20.24 22.48 1.33
C HIS A 360 -19.37 21.77 0.31
N LEU A 361 -19.90 20.72 -0.34
CA LEU A 361 -19.14 20.06 -1.40
C LEU A 361 -18.86 21.03 -2.53
N LEU A 362 -19.86 21.81 -2.94
CA LEU A 362 -19.65 22.77 -4.00
C LEU A 362 -18.82 23.96 -3.55
N ALA A 363 -18.81 24.27 -2.25
CA ALA A 363 -17.91 25.31 -1.76
C ALA A 363 -16.45 24.91 -1.98
N LEU A 364 -16.14 23.62 -1.83
CA LEU A 364 -14.81 23.10 -2.11
C LEU A 364 -14.37 23.41 -3.53
N ASP A 365 -15.23 23.08 -4.51
CA ASP A 365 -14.88 23.33 -5.91
C ASP A 365 -14.73 24.80 -6.19
N ARG A 366 -15.62 25.63 -5.61
CA ARG A 366 -15.49 27.07 -5.76
C ARG A 366 -14.17 27.57 -5.20
N ARG A 367 -13.79 27.09 -4.02
CA ARG A 367 -12.58 27.59 -3.38
C ARG A 367 -11.32 27.09 -4.07
N LEU A 368 -11.39 25.93 -4.72
CA LEU A 368 -10.24 25.45 -5.48
C LEU A 368 -9.91 26.41 -6.62
N LEU A 369 -10.94 26.91 -7.32
CA LEU A 369 -10.69 27.90 -8.36
C LEU A 369 -10.12 29.19 -7.78
N LEU A 370 -10.60 29.60 -6.60
CA LEU A 370 -10.06 30.78 -5.97
C LEU A 370 -8.59 30.58 -5.60
N VAL A 371 -8.18 29.36 -5.25
CA VAL A 371 -6.78 29.07 -5.00
C VAL A 371 -5.98 29.23 -6.29
N GLN A 372 -6.47 28.65 -7.37
CA GLN A 372 -5.81 28.78 -8.67
C GLN A 372 -5.63 30.25 -9.05
N ASP A 373 -6.65 31.07 -8.83
CA ASP A 373 -6.55 32.49 -9.12
C ASP A 373 -5.43 33.15 -8.31
N ALA A 374 -5.37 32.84 -7.02
CA ALA A 374 -4.33 33.42 -6.17
C ALA A 374 -2.94 33.02 -6.63
N VAL A 375 -2.78 31.76 -7.03
CA VAL A 375 -1.49 31.28 -7.51
C VAL A 375 -1.13 31.96 -8.83
N GLU A 376 -2.11 32.05 -9.74
CA GLU A 376 -1.85 32.71 -11.03
C GLU A 376 -1.52 34.19 -10.83
N LYS A 377 -2.15 34.83 -9.84
CA LYS A 377 -1.77 36.20 -9.51
C LYS A 377 -0.33 36.29 -9.03
N CYS A 378 0.12 35.29 -8.25
CA CYS A 378 1.51 35.25 -7.83
C CYS A 378 2.44 35.12 -9.03
N PHE A 379 2.05 34.29 -10.01
CA PHE A 379 2.87 34.16 -11.21
C PHE A 379 2.98 35.47 -11.96
N LYS A 380 1.87 36.20 -12.08
CA LYS A 380 1.90 37.43 -12.86
C LYS A 380 2.85 38.46 -12.25
N GLU A 381 2.98 38.48 -10.93
CA GLU A 381 3.67 39.55 -10.24
C GLU A 381 5.05 39.14 -9.72
N LYS A 382 5.43 37.87 -9.87
CA LYS A 382 6.78 37.45 -9.52
C LYS A 382 7.39 36.48 -10.51
N ASN A 383 6.65 36.05 -11.55
CA ASN A 383 7.04 35.05 -12.55
C ASN A 383 7.00 33.65 -11.97
N LYS A 384 6.50 32.71 -12.77
CA LYS A 384 6.18 31.35 -12.30
C LYS A 384 7.36 30.68 -11.61
N GLU A 385 8.54 30.68 -12.26
CA GLU A 385 9.69 29.94 -11.72
C GLU A 385 10.32 30.58 -10.50
N ASN A 386 9.87 31.76 -10.05
CA ASN A 386 10.28 32.24 -8.73
C ASN A 386 9.22 31.96 -7.66
N VAL A 387 8.06 31.47 -8.04
CA VAL A 387 7.01 31.09 -7.09
C VAL A 387 7.02 29.59 -6.83
N ILE A 388 7.15 28.79 -7.88
CA ILE A 388 7.18 27.34 -7.74
C ILE A 388 8.56 26.92 -7.22
N ILE A 389 8.60 26.37 -6.01
CA ILE A 389 9.84 25.89 -5.40
C ILE A 389 9.83 24.37 -5.40
N GLU A 390 10.82 23.77 -6.07
CA GLU A 390 11.01 22.34 -6.03
C GLU A 390 11.97 22.01 -4.89
N ASP A 391 11.41 21.67 -3.74
CA ASP A 391 12.21 21.26 -2.59
C ASP A 391 12.22 19.75 -2.40
N HIS A 392 11.70 19.00 -3.39
CA HIS A 392 11.68 17.55 -3.41
C HIS A 392 10.80 16.94 -2.33
N LEU A 393 9.90 17.73 -1.76
CA LEU A 393 8.93 17.23 -0.80
C LEU A 393 7.52 17.38 -1.37
N GLU B 43 -21.58 -3.96 7.48
CA GLU B 43 -20.22 -3.76 7.96
C GLU B 43 -19.49 -2.70 7.10
N TYR B 44 -18.41 -2.12 7.63
CA TYR B 44 -17.83 -0.90 7.05
C TYR B 44 -16.36 -1.06 6.76
N PHE B 45 -15.92 -0.39 5.70
CA PHE B 45 -14.51 -0.29 5.29
C PHE B 45 -13.97 -1.64 4.80
N ASN B 46 -14.81 -2.42 4.14
CA ASN B 46 -14.41 -3.74 3.65
C ASN B 46 -13.82 -3.64 2.25
N ILE B 47 -12.69 -4.31 2.05
CA ILE B 47 -12.11 -4.56 0.74
C ILE B 47 -11.84 -6.05 0.65
N HIS B 48 -12.33 -6.68 -0.43
CA HIS B 48 -12.09 -8.10 -0.60
C HIS B 48 -10.73 -8.36 -1.23
N ALA B 49 -10.10 -9.46 -0.80
CA ALA B 49 -8.74 -9.78 -1.23
C ALA B 49 -8.61 -9.87 -2.74
N TRP B 50 -9.63 -10.41 -3.42
CA TRP B 50 -9.49 -10.53 -4.87
C TRP B 50 -9.50 -9.16 -5.56
N ASP B 51 -10.15 -8.17 -4.95
CA ASP B 51 -10.05 -6.80 -5.46
C ASP B 51 -8.69 -6.20 -5.16
N VAL B 52 -8.12 -6.52 -3.99
CA VAL B 52 -6.75 -6.08 -3.69
C VAL B 52 -5.79 -6.58 -4.76
N TRP B 53 -5.92 -7.85 -5.14
CA TRP B 53 -5.07 -8.43 -6.18
C TRP B 53 -5.28 -7.76 -7.52
N HIS B 54 -6.53 -7.58 -7.93
CA HIS B 54 -6.78 -6.99 -9.24
C HIS B 54 -6.29 -5.56 -9.32
N ASP B 55 -6.37 -4.80 -8.22
CA ASP B 55 -6.01 -3.39 -8.23
C ASP B 55 -4.53 -3.12 -8.01
N MET B 56 -3.74 -4.10 -7.54
CA MET B 56 -2.34 -3.82 -7.27
C MET B 56 -1.46 -3.94 -8.49
N ILE B 57 -1.95 -4.53 -9.57
CA ILE B 57 -1.14 -4.74 -10.77
C ILE B 57 -1.05 -3.43 -11.56
N SER B 58 0.17 -3.07 -11.95
CA SER B 58 0.45 -2.07 -12.97
C SER B 58 1.44 -2.69 -13.95
N VAL B 59 1.71 -1.98 -15.05
CA VAL B 59 2.48 -2.61 -16.11
C VAL B 59 3.93 -2.86 -15.70
N ARG B 60 4.42 -2.22 -14.63
CA ARG B 60 5.77 -2.48 -14.16
C ARG B 60 5.81 -3.12 -12.78
N ALA B 61 4.70 -3.68 -12.30
CA ALA B 61 4.69 -4.33 -11.00
C ALA B 61 3.46 -5.24 -10.88
N LEU B 62 3.68 -6.53 -10.62
CA LEU B 62 2.54 -7.39 -10.33
C LEU B 62 2.15 -7.30 -8.86
N THR B 63 3.12 -7.11 -7.97
CA THR B 63 2.86 -7.01 -6.55
C THR B 63 3.52 -5.76 -6.01
N VAL B 64 3.24 -5.45 -4.74
CA VAL B 64 3.65 -4.20 -4.12
C VAL B 64 4.42 -4.52 -2.85
N ASP B 65 5.10 -3.49 -2.33
CA ASP B 65 5.92 -3.61 -1.13
C ASP B 65 5.11 -3.85 0.13
N SER B 66 3.84 -3.44 0.15
CA SER B 66 3.02 -3.47 1.35
C SER B 66 2.78 -4.90 1.81
N ASP B 67 3.29 -5.24 3.00
CA ASP B 67 3.01 -6.55 3.58
C ASP B 67 1.54 -6.69 3.95
N VAL B 68 0.89 -5.59 4.32
CA VAL B 68 -0.53 -5.67 4.66
C VAL B 68 -1.33 -6.15 3.47
N GLU B 69 -1.06 -5.58 2.30
CA GLU B 69 -1.81 -5.97 1.10
C GLU B 69 -1.47 -7.40 0.68
N ILE B 70 -0.20 -7.77 0.72
CA ILE B 70 0.18 -9.12 0.26
C ILE B 70 -0.29 -10.18 1.24
N TYR B 71 -0.09 -9.95 2.55
CA TYR B 71 -0.57 -10.91 3.54
C TYR B 71 -2.08 -11.06 3.48
N LYS B 72 -2.78 -9.97 3.16
CA LYS B 72 -4.23 -10.05 2.99
C LYS B 72 -4.58 -11.00 1.84
N VAL B 73 -3.85 -10.91 0.73
CA VAL B 73 -4.12 -11.78 -0.41
C VAL B 73 -3.72 -13.22 -0.11
N LEU B 74 -2.53 -13.42 0.46
CA LEU B 74 -2.06 -14.78 0.78
C LEU B 74 -3.00 -15.47 1.76
N LYS B 75 -3.46 -14.75 2.78
CA LYS B 75 -4.38 -15.33 3.77
C LYS B 75 -5.67 -15.80 3.10
N ALA B 76 -6.18 -15.01 2.16
CA ALA B 76 -7.40 -15.43 1.46
C ALA B 76 -7.15 -16.65 0.58
N MET B 77 -6.02 -16.67 -0.15
CA MET B 77 -5.67 -17.86 -0.92
C MET B 77 -5.54 -19.08 -0.01
N SER B 78 -5.01 -18.87 1.19
CA SER B 78 -4.75 -19.97 2.12
C SER B 78 -6.05 -20.58 2.63
N SER B 79 -7.11 -19.79 2.79
CA SER B 79 -8.32 -20.26 3.46
C SER B 79 -9.58 -20.28 2.60
N ALA B 80 -9.57 -19.68 1.41
CA ALA B 80 -10.78 -19.60 0.61
C ALA B 80 -11.32 -20.98 0.26
N LYS B 81 -12.64 -21.12 0.30
CA LYS B 81 -13.29 -22.36 -0.09
C LYS B 81 -13.10 -22.61 -1.58
N ILE B 82 -12.83 -23.87 -1.93
CA ILE B 82 -12.71 -24.27 -3.32
C ILE B 82 -14.10 -24.58 -3.84
N THR B 83 -14.51 -23.88 -4.90
CA THR B 83 -15.85 -24.06 -5.46
C THR B 83 -15.86 -24.90 -6.73
N GLN B 84 -14.74 -25.01 -7.43
CA GLN B 84 -14.60 -25.86 -8.60
C GLN B 84 -13.17 -26.35 -8.65
N ALA B 85 -12.96 -27.52 -9.28
CA ALA B 85 -11.61 -28.03 -9.48
C ALA B 85 -11.60 -28.80 -10.79
N THR B 86 -10.60 -28.56 -11.61
CA THR B 86 -10.48 -29.27 -12.87
C THR B 86 -9.02 -29.38 -13.25
N THR B 87 -8.77 -29.98 -14.42
CA THR B 87 -7.43 -30.17 -14.96
C THR B 87 -7.58 -30.22 -16.49
N GLY B 88 -6.49 -29.96 -17.20
CA GLY B 88 -6.54 -29.71 -18.62
C GLY B 88 -5.72 -30.70 -19.45
N TYR B 89 -5.94 -30.68 -20.77
CA TYR B 89 -5.20 -31.56 -21.66
C TYR B 89 -3.89 -30.98 -22.17
N LYS B 90 -3.73 -29.66 -22.18
CA LYS B 90 -2.52 -29.06 -22.73
C LYS B 90 -1.39 -29.08 -21.71
N GLY B 91 -0.17 -29.14 -22.23
CA GLY B 91 1.02 -29.03 -21.39
C GLY B 91 1.62 -30.38 -21.04
N THR B 92 2.79 -30.32 -20.41
CA THR B 92 3.53 -31.50 -20.02
C THR B 92 3.51 -31.78 -18.52
N GLN B 93 2.99 -30.86 -17.70
CA GLN B 93 3.10 -30.94 -16.26
C GLN B 93 1.74 -31.23 -15.65
N LEU B 94 1.72 -32.08 -14.63
CA LEU B 94 0.48 -32.37 -13.92
C LEU B 94 0.17 -31.22 -12.97
N LYS B 95 -1.02 -30.67 -13.09
CA LYS B 95 -1.49 -29.63 -12.19
C LYS B 95 -3.02 -29.64 -12.23
N ALA B 96 -3.61 -28.79 -11.39
CA ALA B 96 -5.05 -28.61 -11.36
C ALA B 96 -5.34 -27.11 -11.35
N MET B 97 -6.60 -26.76 -11.60
CA MET B 97 -7.07 -25.40 -11.53
C MET B 97 -8.23 -25.35 -10.54
N PHE B 98 -8.10 -24.54 -9.50
CA PHE B 98 -9.12 -24.35 -8.48
C PHE B 98 -9.77 -22.99 -8.65
N SER B 99 -11.09 -22.95 -8.52
CA SER B 99 -11.84 -21.70 -8.41
C SER B 99 -12.10 -21.43 -6.93
N LEU B 100 -11.59 -20.31 -6.42
CA LEU B 100 -11.77 -19.98 -5.01
C LEU B 100 -12.95 -19.02 -4.84
N ASP B 101 -13.66 -19.19 -3.72
CA ASP B 101 -14.89 -18.48 -3.46
C ASP B 101 -14.62 -17.00 -3.19
N GLY B 102 -15.67 -16.20 -3.37
CA GLY B 102 -15.64 -14.78 -3.11
C GLY B 102 -16.81 -14.11 -3.80
N PRO B 103 -16.96 -12.79 -3.61
CA PRO B 103 -17.99 -12.07 -4.37
C PRO B 103 -17.85 -12.28 -5.86
N GLN B 104 -16.61 -12.32 -6.34
CA GLN B 104 -16.27 -12.85 -7.65
C GLN B 104 -15.38 -14.06 -7.43
N ILE B 105 -15.42 -14.98 -8.38
CA ILE B 105 -14.62 -16.20 -8.30
C ILE B 105 -13.18 -15.87 -8.70
N GLN B 106 -12.22 -16.44 -7.98
CA GLN B 106 -10.80 -16.24 -8.25
C GLN B 106 -10.15 -17.57 -8.58
N ASN B 107 -9.60 -17.70 -9.79
CA ASN B 107 -8.94 -18.92 -10.20
C ASN B 107 -7.49 -18.95 -9.71
N VAL B 108 -7.01 -20.15 -9.37
CA VAL B 108 -5.61 -20.38 -9.04
C VAL B 108 -5.13 -21.64 -9.75
N VAL B 109 -3.84 -21.67 -10.07
CA VAL B 109 -3.17 -22.92 -10.45
C VAL B 109 -2.79 -23.66 -9.18
N PHE B 110 -3.01 -24.97 -9.15
CA PHE B 110 -2.57 -25.79 -8.03
C PHE B 110 -1.50 -26.75 -8.50
N LYS B 111 -0.29 -26.60 -7.96
CA LYS B 111 0.83 -27.46 -8.31
C LYS B 111 1.08 -28.40 -7.14
N PRO B 112 0.80 -29.69 -7.29
CA PRO B 112 0.97 -30.62 -6.17
C PRO B 112 2.43 -30.88 -5.85
N LYS B 113 2.67 -31.22 -4.59
CA LYS B 113 3.96 -31.77 -4.19
C LYS B 113 4.22 -33.06 -4.96
N ARG B 114 5.42 -33.19 -5.48
CA ARG B 114 5.81 -34.38 -6.23
C ARG B 114 7.05 -35.06 -5.67
N TYR B 115 7.82 -34.40 -4.81
CA TYR B 115 9.09 -34.91 -4.32
C TYR B 115 9.22 -34.58 -2.84
N SER B 116 10.10 -35.30 -2.15
CA SER B 116 10.52 -34.89 -0.82
C SER B 116 11.34 -33.61 -0.89
N ARG B 117 11.45 -32.91 0.25
CA ARG B 117 12.25 -31.69 0.27
C ARG B 117 13.71 -31.94 -0.04
N ASN B 118 14.21 -33.18 0.15
CA ASN B 118 15.62 -33.47 -0.08
C ASN B 118 15.88 -34.10 -1.45
N LYS B 119 14.90 -34.11 -2.34
CA LYS B 119 15.10 -34.61 -3.70
C LYS B 119 16.13 -33.77 -4.45
N ILE B 120 17.02 -34.46 -5.15
CA ILE B 120 18.04 -33.87 -6.02
C ILE B 120 17.67 -34.11 -7.47
N ILE B 121 17.55 -33.04 -8.26
CA ILE B 121 17.24 -33.13 -9.68
C ILE B 121 18.51 -32.90 -10.46
N LEU B 122 19.15 -33.97 -10.87
CA LEU B 122 20.30 -33.89 -11.73
C LEU B 122 19.98 -34.36 -13.14
N GLY B 123 21.02 -34.70 -13.89
CA GLY B 123 20.84 -35.00 -15.26
C GLY B 123 20.80 -33.67 -15.95
N THR B 124 20.05 -33.65 -17.00
CA THR B 124 19.77 -32.47 -17.75
C THR B 124 19.34 -31.31 -16.83
N PRO B 125 19.84 -30.09 -17.05
CA PRO B 125 19.47 -28.93 -16.22
C PRO B 125 17.97 -28.69 -16.10
N TYR B 126 17.14 -29.36 -16.92
CA TYR B 126 15.70 -29.09 -16.97
C TYR B 126 14.83 -30.21 -16.40
N GLU B 127 15.41 -31.28 -15.88
CA GLU B 127 14.66 -32.51 -15.67
C GLU B 127 13.51 -32.36 -14.67
N GLY B 128 12.48 -33.20 -14.84
CA GLY B 128 11.59 -33.56 -13.75
C GLY B 128 10.28 -32.79 -13.71
N TYR B 129 9.54 -33.08 -12.64
CA TYR B 129 8.29 -32.41 -12.34
C TYR B 129 8.55 -31.03 -11.75
N ASP B 130 7.56 -30.16 -11.89
CA ASP B 130 7.56 -28.86 -11.22
C ASP B 130 7.60 -29.05 -9.71
N ARG B 131 8.44 -28.26 -9.05
CA ARG B 131 8.56 -28.31 -7.58
C ARG B 131 7.67 -27.24 -6.96
N HIS B 132 6.64 -27.68 -6.22
CA HIS B 132 5.70 -26.75 -5.61
C HIS B 132 6.39 -25.81 -4.63
N ASN B 133 7.36 -26.33 -3.86
CA ASN B 133 8.04 -25.48 -2.88
C ASN B 133 8.94 -24.46 -3.57
N ALA B 134 9.40 -24.76 -4.79
CA ALA B 134 10.21 -23.80 -5.53
C ALA B 134 9.38 -22.60 -5.98
N GLU B 135 8.11 -22.80 -6.36
CA GLU B 135 7.25 -21.66 -6.69
C GLU B 135 7.11 -20.73 -5.50
N ILE B 136 6.92 -21.29 -4.32
CA ILE B 136 6.77 -20.46 -3.12
C ILE B 136 8.03 -19.66 -2.87
N ALA B 137 9.18 -20.33 -2.89
CA ALA B 137 10.45 -19.66 -2.63
C ALA B 137 10.74 -18.61 -3.69
N ALA B 138 10.47 -18.92 -4.95
CA ALA B 138 10.76 -17.96 -6.03
C ALA B 138 9.87 -16.72 -5.91
N PHE B 139 8.62 -16.91 -5.48
CA PHE B 139 7.72 -15.78 -5.34
C PHE B 139 8.24 -14.81 -4.27
N HIS B 140 8.64 -15.33 -3.12
CA HIS B 140 9.14 -14.46 -2.06
C HIS B 140 10.49 -13.85 -2.41
N LEU B 141 11.33 -14.59 -3.14
CA LEU B 141 12.61 -14.01 -3.53
C LEU B 141 12.41 -12.89 -4.54
N ASP B 142 11.38 -12.99 -5.38
CA ASP B 142 11.09 -11.94 -6.34
C ASP B 142 10.68 -10.64 -5.64
N ARG B 143 9.97 -10.74 -4.53
CA ARG B 143 9.69 -9.55 -3.73
C ARG B 143 10.92 -9.07 -2.99
N LEU B 144 11.69 -9.99 -2.40
CA LEU B 144 12.86 -9.61 -1.63
C LEU B 144 13.88 -8.85 -2.48
N LEU B 145 14.06 -9.25 -3.73
CA LEU B 145 14.99 -8.57 -4.62
C LEU B 145 14.37 -7.35 -5.30
N GLY B 146 13.11 -7.04 -5.02
CA GLY B 146 12.50 -5.83 -5.56
C GLY B 146 12.05 -5.92 -7.00
N PHE B 147 11.95 -7.12 -7.57
CA PHE B 147 11.46 -7.24 -8.93
C PHE B 147 9.94 -7.05 -8.98
N TYR B 148 9.21 -7.68 -8.06
CA TYR B 148 7.74 -7.58 -7.97
C TYR B 148 7.07 -7.98 -9.28
N ARG B 149 7.59 -9.03 -9.92
CA ARG B 149 7.11 -9.49 -11.21
C ARG B 149 6.50 -10.89 -11.16
N ALA B 150 6.30 -11.45 -9.96
CA ALA B 150 5.75 -12.79 -9.79
C ALA B 150 4.38 -12.73 -9.12
N PRO B 151 3.39 -13.46 -9.63
CA PRO B 151 2.09 -13.51 -8.96
C PRO B 151 2.18 -14.18 -7.61
N PRO B 152 1.32 -13.80 -6.67
CA PRO B 152 1.30 -14.43 -5.34
C PRO B 152 1.19 -15.94 -5.38
N VAL B 153 1.96 -16.58 -4.49
CA VAL B 153 1.96 -18.03 -4.31
C VAL B 153 1.83 -18.30 -2.81
N VAL B 154 0.99 -19.28 -2.45
CA VAL B 154 0.91 -19.74 -1.07
C VAL B 154 0.91 -21.26 -1.04
N GLY B 155 1.56 -21.84 -0.04
CA GLY B 155 1.44 -23.27 0.20
C GLY B 155 0.16 -23.59 0.92
N ARG B 156 -0.37 -24.80 0.68
CA ARG B 156 -1.62 -25.17 1.33
C ARG B 156 -1.76 -26.69 1.36
N TYR B 157 -2.33 -27.20 2.45
CA TYR B 157 -2.66 -28.62 2.57
C TYR B 157 -4.11 -28.82 2.14
N ILE B 158 -4.32 -29.51 1.02
CA ILE B 158 -5.64 -29.69 0.44
C ILE B 158 -6.16 -31.05 0.86
N ASN B 159 -7.31 -31.08 1.52
CA ASN B 159 -8.02 -32.32 1.80
C ASN B 159 -8.76 -32.71 0.52
N LEU B 160 -8.21 -33.67 -0.22
CA LEU B 160 -8.79 -34.02 -1.51
C LEU B 160 -10.20 -34.57 -1.37
N ALA B 161 -10.45 -35.38 -0.33
CA ALA B 161 -11.77 -36.00 -0.21
C ALA B 161 -12.84 -34.97 0.12
N ALA B 162 -12.57 -34.06 1.04
CA ALA B 162 -13.57 -33.10 1.47
C ALA B 162 -13.65 -31.85 0.59
N GLU B 163 -12.54 -31.42 -0.01
CA GLU B 163 -12.54 -30.14 -0.73
C GLU B 163 -12.55 -30.27 -2.25
N VAL B 164 -11.96 -31.31 -2.82
CA VAL B 164 -11.82 -31.41 -4.27
C VAL B 164 -12.87 -32.30 -4.90
N LEU B 165 -13.00 -33.53 -4.41
CA LEU B 165 -13.95 -34.47 -4.99
C LEU B 165 -15.38 -33.94 -5.05
N PRO B 166 -15.94 -33.25 -4.05
CA PRO B 166 -17.32 -32.77 -4.18
C PRO B 166 -17.54 -31.64 -5.18
N VAL B 167 -16.49 -31.08 -5.80
CA VAL B 167 -16.67 -30.01 -6.78
C VAL B 167 -15.83 -30.27 -8.02
N ALA B 168 -15.34 -31.49 -8.17
CA ALA B 168 -14.40 -31.80 -9.25
C ALA B 168 -15.12 -32.05 -10.57
N ALA B 169 -14.57 -31.48 -11.65
CA ALA B 169 -15.03 -31.82 -12.99
C ALA B 169 -14.67 -33.25 -13.34
N LYS B 170 -15.45 -33.83 -14.26
CA LYS B 170 -15.27 -35.23 -14.64
C LYS B 170 -13.86 -35.46 -15.20
N LYS B 171 -13.33 -34.45 -15.91
CA LYS B 171 -11.99 -34.54 -16.47
C LYS B 171 -10.95 -34.83 -15.39
N LEU B 172 -11.15 -34.26 -14.20
CA LEU B 172 -10.22 -34.49 -13.09
C LEU B 172 -10.62 -35.72 -12.28
N ALA B 173 -11.91 -35.87 -11.98
CA ALA B 173 -12.39 -36.96 -11.11
C ALA B 173 -12.01 -38.32 -11.68
N THR B 174 -12.11 -38.49 -13.01
CA THR B 174 -11.83 -39.78 -13.61
C THR B 174 -10.34 -40.14 -13.61
N THR B 175 -9.46 -39.30 -13.07
CA THR B 175 -8.05 -39.66 -12.94
C THR B 175 -7.65 -39.90 -11.49
N PHE B 176 -8.61 -39.98 -10.56
CA PHE B 176 -8.29 -40.35 -9.19
C PHE B 176 -8.07 -41.86 -9.07
N ILE B 177 -7.01 -42.23 -8.34
CA ILE B 177 -6.65 -43.62 -8.10
C ILE B 177 -6.07 -43.71 -6.70
N LYS B 178 -5.83 -44.94 -6.26
CA LYS B 178 -5.14 -45.20 -5.00
C LYS B 178 -3.77 -45.79 -5.28
N ASP B 179 -2.80 -45.48 -4.41
CA ASP B 179 -1.48 -46.08 -4.52
C ASP B 179 -1.43 -47.37 -3.71
N LYS B 180 -0.24 -47.99 -3.67
CA LYS B 180 -0.04 -49.25 -2.97
C LYS B 180 -0.32 -49.15 -1.47
N ASP B 181 -0.20 -47.96 -0.88
CA ASP B 181 -0.51 -47.73 0.53
C ASP B 181 -1.88 -47.13 0.74
N GLU B 182 -2.73 -47.11 -0.28
CA GLU B 182 -4.08 -46.55 -0.19
C GLU B 182 -4.09 -45.05 0.11
N ASN B 183 -3.05 -44.34 -0.31
CA ASN B 183 -3.15 -42.89 -0.41
C ASN B 183 -4.02 -42.54 -1.60
N LEU B 184 -4.74 -41.43 -1.49
CA LEU B 184 -5.57 -40.96 -2.59
C LEU B 184 -4.70 -40.11 -3.53
N CYS B 185 -4.79 -40.40 -4.83
CA CYS B 185 -3.94 -39.76 -5.83
C CYS B 185 -4.76 -39.35 -7.04
N PHE B 186 -4.15 -38.52 -7.89
CA PHE B 186 -4.69 -38.32 -9.23
C PHE B 186 -3.51 -38.11 -10.17
N TYR B 187 -3.71 -38.50 -11.43
CA TYR B 187 -2.64 -38.44 -12.42
C TYR B 187 -2.99 -37.52 -13.58
N GLY B 188 -4.22 -37.04 -13.63
CA GLY B 188 -4.60 -36.00 -14.53
C GLY B 188 -4.60 -36.39 -15.99
N LYS B 189 -4.78 -35.36 -16.77
CA LYS B 189 -4.76 -35.42 -18.21
C LYS B 189 -3.79 -34.33 -18.60
N CYS B 190 -2.91 -34.64 -19.55
CA CYS B 190 -1.92 -33.75 -20.10
C CYS B 190 -1.03 -34.63 -20.95
N LEU B 191 -0.11 -34.04 -21.71
CA LEU B 191 0.64 -34.80 -22.71
C LEU B 191 1.40 -35.96 -22.07
N TYR B 192 2.11 -35.71 -20.96
CA TYR B 192 2.86 -36.78 -20.30
C TYR B 192 2.17 -37.36 -19.08
N CYS B 193 0.93 -36.96 -18.82
CA CYS B 193 0.22 -37.46 -17.65
C CYS B 193 -0.18 -38.92 -17.88
N ASN B 194 0.07 -39.76 -16.89
CA ASN B 194 -0.35 -41.16 -17.01
C ASN B 194 -0.48 -41.79 -15.63
N ARG B 195 -1.17 -42.94 -15.63
CA ARG B 195 -1.52 -43.66 -14.42
C ARG B 195 -0.31 -44.07 -13.59
N LYS B 196 0.85 -44.30 -14.22
CA LYS B 196 2.00 -44.71 -13.44
C LYS B 196 2.75 -43.55 -12.81
N GLU B 197 2.38 -42.31 -13.12
CA GLU B 197 3.02 -41.12 -12.55
C GLU B 197 1.99 -40.22 -11.89
N PRO B 198 1.34 -40.69 -10.82
CA PRO B 198 0.35 -39.84 -10.15
C PRO B 198 1.01 -38.92 -9.16
N ALA B 199 0.27 -37.87 -8.82
CA ALA B 199 0.57 -37.08 -7.63
C ALA B 199 -0.26 -37.67 -6.49
N CYS B 200 0.39 -37.99 -5.37
CA CYS B 200 -0.28 -38.72 -4.30
C CYS B 200 -0.34 -37.90 -3.03
N ALA B 201 -1.49 -37.96 -2.37
CA ALA B 201 -1.62 -37.31 -1.08
C ALA B 201 -0.99 -38.19 0.01
N SER B 202 -0.91 -37.63 1.21
CA SER B 202 -0.65 -38.39 2.42
C SER B 202 -2.02 -38.68 3.04
N ASN B 203 -2.48 -39.92 2.89
CA ASN B 203 -3.83 -40.35 3.16
C ASN B 203 -4.75 -39.60 2.18
N VAL B 204 -5.40 -38.51 2.59
CA VAL B 204 -6.16 -37.70 1.65
C VAL B 204 -5.70 -36.26 1.61
N THR B 205 -4.67 -35.91 2.36
CA THR B 205 -4.20 -34.54 2.48
C THR B 205 -3.04 -34.34 1.52
N MET B 206 -3.23 -33.50 0.53
CA MET B 206 -2.20 -33.21 -0.45
C MET B 206 -1.63 -31.81 -0.29
N GLU B 207 -0.32 -31.76 -0.11
CA GLU B 207 0.42 -30.51 -0.05
C GLU B 207 0.67 -29.97 -1.45
N GLY B 208 0.59 -28.66 -1.61
CA GLY B 208 0.91 -28.06 -2.89
C GLY B 208 1.01 -26.56 -2.81
N ALA B 209 1.16 -25.94 -3.98
CA ALA B 209 1.24 -24.48 -4.09
C ALA B 209 0.09 -23.96 -4.93
N LEU B 210 -0.49 -22.84 -4.49
CA LEU B 210 -1.54 -22.13 -5.22
C LEU B 210 -0.94 -20.86 -5.82
N ILE B 211 -1.17 -20.64 -7.11
CA ILE B 211 -0.68 -19.45 -7.80
C ILE B 211 -1.87 -18.71 -8.40
N LEU B 212 -2.00 -17.43 -8.09
CA LEU B 212 -3.12 -16.64 -8.62
C LEU B 212 -3.06 -16.52 -10.13
N TRP B 213 -4.20 -16.67 -10.79
CA TRP B 213 -4.34 -16.21 -12.17
C TRP B 213 -4.21 -14.69 -12.24
N LEU B 214 -3.54 -14.19 -13.28
CA LEU B 214 -3.64 -12.78 -13.60
C LEU B 214 -5.07 -12.45 -14.07
N PRO B 215 -5.61 -11.30 -13.70
CA PRO B 215 -6.96 -10.95 -14.15
C PRO B 215 -7.02 -10.78 -15.66
N GLU B 216 -8.25 -10.85 -16.18
CA GLU B 216 -8.47 -10.77 -17.62
C GLU B 216 -7.96 -9.46 -18.20
N LYS B 217 -7.99 -8.39 -17.42
CA LYS B 217 -7.50 -7.08 -17.84
C LYS B 217 -6.02 -7.11 -18.24
N TRP B 218 -5.27 -8.12 -17.81
CA TRP B 218 -3.83 -8.20 -18.05
C TRP B 218 -3.49 -9.45 -18.85
N PRO B 219 -3.78 -9.47 -20.15
CA PRO B 219 -3.41 -10.63 -20.96
C PRO B 219 -1.91 -10.78 -21.07
N VAL B 220 -1.48 -12.03 -21.23
CA VAL B 220 -0.07 -12.40 -21.22
C VAL B 220 0.33 -12.83 -22.62
N LEU B 221 1.44 -12.29 -23.12
CA LEU B 221 1.98 -12.64 -24.43
C LEU B 221 3.29 -13.40 -24.28
N LYS B 222 3.51 -14.38 -25.16
CA LYS B 222 4.65 -15.28 -25.09
C LYS B 222 5.52 -15.16 -26.33
N LEU B 223 6.84 -15.11 -26.12
CA LEU B 223 7.82 -15.10 -27.20
C LEU B 223 8.95 -16.07 -26.88
N PRO B 224 9.63 -16.60 -27.88
CA PRO B 224 10.81 -17.44 -27.62
C PRO B 224 11.94 -16.63 -27.02
N HIS B 225 12.63 -17.23 -26.06
CA HIS B 225 13.76 -16.57 -25.41
C HIS B 225 14.98 -16.65 -26.30
N PRO B 226 15.63 -15.51 -26.65
CA PRO B 226 16.83 -15.56 -27.49
C PRO B 226 17.92 -16.47 -26.95
N TRP B 227 17.92 -16.71 -25.64
CA TRP B 227 18.93 -17.57 -25.01
C TRP B 227 18.36 -18.94 -24.63
N ARG B 228 17.27 -19.35 -25.26
CA ARG B 228 16.70 -20.67 -25.00
C ARG B 228 17.68 -21.76 -25.45
N ARG B 229 17.53 -22.94 -24.84
CA ARG B 229 18.36 -24.09 -25.16
C ARG B 229 17.78 -24.88 -26.33
N THR B 230 18.58 -25.82 -26.85
CA THR B 230 18.14 -26.59 -27.99
C THR B 230 17.26 -27.78 -27.61
N TYR B 231 17.44 -28.32 -26.41
CA TYR B 231 16.70 -29.50 -25.94
C TYR B 231 16.96 -30.70 -26.84
N ASN B 232 18.22 -30.84 -27.26
CA ASN B 232 18.72 -32.01 -27.98
C ASN B 232 20.25 -32.06 -27.75
N LYS B 233 20.97 -32.62 -28.73
CA LYS B 233 22.41 -32.79 -28.59
C LYS B 233 23.20 -31.68 -29.26
N LYS B 234 22.61 -31.00 -30.24
CA LYS B 234 23.19 -29.83 -30.87
C LYS B 234 23.30 -28.69 -29.84
N MET B 235 24.15 -27.72 -30.16
CA MET B 235 24.32 -26.53 -29.34
C MET B 235 23.62 -25.33 -29.96
N ALA B 236 23.09 -24.47 -29.08
CA ALA B 236 22.45 -23.25 -29.52
C ALA B 236 23.49 -22.22 -29.94
N LYS B 237 23.04 -21.23 -30.72
CA LYS B 237 23.95 -20.22 -31.25
C LYS B 237 24.68 -19.47 -30.16
N TRP B 238 24.00 -19.16 -29.05
CA TRP B 238 24.66 -18.40 -27.99
C TRP B 238 25.75 -19.22 -27.30
N GLU B 239 25.74 -20.55 -27.45
CA GLU B 239 26.79 -21.37 -26.86
C GLU B 239 28.07 -21.37 -27.70
N THR B 240 27.97 -21.12 -29.00
CA THR B 240 29.10 -21.08 -29.93
C THR B 240 29.54 -19.66 -30.22
N ASP B 241 28.60 -18.80 -30.59
CA ASP B 241 28.88 -17.38 -30.73
C ASP B 241 29.11 -16.76 -29.36
N SER B 242 29.97 -15.75 -29.32
CA SER B 242 30.22 -15.03 -28.09
C SER B 242 29.90 -13.55 -28.18
N HIS B 243 29.74 -13.00 -29.39
CA HIS B 243 29.15 -11.69 -29.60
C HIS B 243 27.68 -11.82 -29.94
N TYR B 244 27.06 -12.89 -29.44
CA TYR B 244 25.69 -13.19 -29.77
C TYR B 244 24.74 -12.06 -29.38
N CYS B 245 25.04 -11.32 -28.31
CA CYS B 245 24.16 -10.22 -27.93
C CYS B 245 24.11 -9.16 -29.02
N GLU B 246 25.23 -8.90 -29.70
CA GLU B 246 25.20 -7.97 -30.82
C GLU B 246 24.17 -8.37 -31.86
N SER B 247 23.97 -9.68 -32.06
CA SER B 247 22.97 -10.14 -33.01
C SER B 247 21.55 -9.92 -32.50
N VAL B 248 21.35 -10.05 -31.18
CA VAL B 248 20.00 -9.94 -30.62
C VAL B 248 19.49 -8.52 -30.74
N VAL B 249 20.32 -7.54 -30.39
CA VAL B 249 19.93 -6.13 -30.31
C VAL B 249 19.62 -5.55 -31.68
N ILE B 250 19.78 -6.35 -32.74
CA ILE B 250 19.58 -5.82 -34.09
C ILE B 250 18.11 -5.83 -34.47
N LYS B 251 17.38 -6.87 -34.09
CA LYS B 251 15.95 -6.92 -34.36
C LYS B 251 15.13 -6.53 -33.12
N GLU B 252 13.89 -6.13 -33.39
CA GLU B 252 12.93 -5.75 -32.37
C GLU B 252 12.35 -7.02 -31.77
N PRO B 253 11.92 -6.97 -30.50
CA PRO B 253 11.81 -5.80 -29.61
C PRO B 253 13.02 -5.53 -28.71
N TYR B 254 14.20 -5.98 -29.12
CA TYR B 254 15.41 -5.81 -28.31
C TYR B 254 16.22 -4.57 -28.69
N THR B 255 15.80 -3.82 -29.71
CA THR B 255 16.53 -2.64 -30.13
C THR B 255 16.25 -1.44 -29.25
N LYS B 256 14.99 -1.23 -28.87
CA LYS B 256 14.61 -0.05 -28.11
C LYS B 256 13.73 -0.57 -26.98
N GLY B 257 13.52 0.26 -25.96
CA GLY B 257 12.60 -0.08 -24.89
C GLY B 257 13.19 -0.98 -23.83
N PRO B 258 12.35 -1.50 -22.93
CA PRO B 258 12.84 -2.22 -21.74
C PRO B 258 13.06 -3.71 -21.88
N ARG B 259 12.80 -4.32 -23.05
CA ARG B 259 12.72 -5.78 -23.13
C ARG B 259 14.04 -6.45 -22.78
N LEU B 260 15.15 -5.95 -23.32
CA LEU B 260 16.39 -6.70 -23.14
C LEU B 260 16.90 -6.60 -21.71
N LEU B 261 16.72 -5.44 -21.08
CA LEU B 261 17.08 -5.28 -19.68
C LEU B 261 16.18 -6.12 -18.77
N ASP B 262 14.91 -6.30 -19.14
CA ASP B 262 14.03 -7.21 -18.40
C ASP B 262 14.59 -8.64 -18.43
N LEU B 263 14.98 -9.12 -19.63
CA LEU B 263 15.47 -10.49 -19.73
C LEU B 263 16.79 -10.66 -18.99
N ILE B 264 17.57 -9.60 -18.86
CA ILE B 264 18.79 -9.65 -18.06
C ILE B 264 18.45 -9.72 -16.57
N ASP B 265 17.51 -8.88 -16.13
CA ASP B 265 16.96 -9.01 -14.79
C ASP B 265 16.50 -10.45 -14.52
N THR B 266 15.69 -10.99 -15.44
CA THR B 266 15.12 -12.31 -15.24
C THR B 266 16.17 -13.40 -15.30
N SER B 267 17.25 -13.19 -16.05
CA SER B 267 18.32 -14.18 -16.08
C SER B 267 19.08 -14.20 -14.76
N ILE B 268 19.20 -13.07 -14.08
CA ILE B 268 19.78 -13.05 -12.74
C ILE B 268 18.87 -13.79 -11.76
N PHE B 269 17.57 -13.51 -11.85
CA PHE B 269 16.60 -14.18 -10.99
C PHE B 269 16.59 -15.70 -11.23
N ASP B 270 16.60 -16.11 -12.50
CA ASP B 270 16.57 -17.54 -12.82
C ASP B 270 17.85 -18.25 -12.40
N PHE B 271 19.00 -17.56 -12.49
CA PHE B 271 20.26 -18.16 -12.09
C PHE B 271 20.30 -18.40 -10.59
N LEU B 272 19.80 -17.46 -9.79
CA LEU B 272 19.82 -17.63 -8.35
C LEU B 272 18.96 -18.81 -7.91
N ILE B 273 17.82 -19.02 -8.57
CA ILE B 273 16.93 -20.13 -8.20
C ILE B 273 17.25 -21.42 -8.97
N GLY B 274 18.12 -21.37 -9.97
CA GLY B 274 18.45 -22.57 -10.71
C GLY B 274 17.42 -22.96 -11.75
N ASN B 275 16.71 -21.99 -12.32
CA ASN B 275 15.74 -22.25 -13.38
C ASN B 275 16.44 -22.08 -14.72
N ALA B 276 16.75 -23.21 -15.36
CA ALA B 276 17.43 -23.21 -16.64
C ALA B 276 16.47 -23.38 -17.82
N ASP B 277 15.16 -23.21 -17.60
CA ASP B 277 14.19 -23.68 -18.58
C ASP B 277 13.18 -22.62 -18.99
N ARG B 278 13.53 -21.36 -18.90
CA ARG B 278 12.66 -20.32 -19.44
C ARG B 278 12.98 -20.15 -20.93
N HIS B 279 12.60 -21.19 -21.69
CA HIS B 279 12.86 -21.18 -23.12
C HIS B 279 11.91 -20.26 -23.85
N HIS B 280 10.71 -20.05 -23.31
CA HIS B 280 9.81 -18.99 -23.75
C HIS B 280 9.54 -18.07 -22.58
N TYR B 281 9.57 -16.77 -22.82
CA TYR B 281 9.22 -15.82 -21.77
C TYR B 281 7.85 -15.22 -22.05
N GLU B 282 7.27 -14.66 -21.00
CA GLU B 282 5.94 -14.10 -21.06
C GLU B 282 5.96 -12.68 -20.51
N TYR B 283 5.11 -11.82 -21.07
CA TYR B 283 5.12 -10.42 -20.68
C TYR B 283 3.70 -9.86 -20.75
N ILE B 284 3.47 -8.83 -19.93
CA ILE B 284 2.25 -8.04 -19.98
C ILE B 284 2.58 -6.73 -20.71
N GLU B 285 1.53 -6.06 -21.19
CA GLU B 285 1.74 -4.88 -22.03
C GLU B 285 0.47 -4.04 -22.10
N ASN B 286 0.64 -2.73 -22.03
CA ASN B 286 -0.45 -1.78 -22.30
C ASN B 286 0.17 -0.53 -22.93
N GLU B 287 -0.58 0.57 -22.91
CA GLU B 287 -0.13 1.83 -23.51
C GLU B 287 1.10 2.40 -22.83
N ASN B 288 1.38 2.00 -21.58
CA ASN B 288 2.45 2.59 -20.79
C ASN B 288 3.73 1.78 -20.78
N GLY B 289 3.81 0.70 -21.55
CA GLY B 289 5.04 -0.07 -21.61
C GLY B 289 4.75 -1.56 -21.55
N SER B 290 5.79 -2.31 -21.18
CA SER B 290 5.69 -3.77 -21.10
C SER B 290 6.68 -4.27 -20.04
N MET B 291 6.46 -5.51 -19.60
CA MET B 291 7.32 -6.14 -18.60
C MET B 291 7.27 -7.65 -18.73
N VAL B 292 8.44 -8.28 -18.75
CA VAL B 292 8.54 -9.73 -18.65
C VAL B 292 8.28 -10.13 -17.21
N ILE B 293 7.36 -11.06 -17.00
CA ILE B 293 6.92 -11.44 -15.67
C ILE B 293 7.54 -12.76 -15.27
N HIS B 294 7.67 -12.96 -13.96
CA HIS B 294 8.25 -14.19 -13.40
C HIS B 294 7.10 -15.16 -13.12
N LEU B 295 6.60 -15.75 -14.20
CA LEU B 295 5.47 -16.67 -14.17
C LEU B 295 5.95 -18.09 -14.42
N ASP B 296 5.52 -19.01 -13.57
CA ASP B 296 5.96 -20.41 -13.54
C ASP B 296 7.46 -20.58 -13.34
N ASN B 297 7.87 -20.54 -12.08
CA ASN B 297 9.26 -20.62 -11.65
C ASN B 297 9.56 -21.97 -10.99
N ALA B 298 8.75 -23.00 -11.27
CA ALA B 298 8.75 -24.22 -10.48
C ALA B 298 9.87 -25.20 -10.86
N LYS B 299 10.50 -25.04 -12.01
CA LYS B 299 11.61 -25.94 -12.32
C LYS B 299 12.92 -25.31 -11.87
N SER B 300 12.99 -25.18 -10.55
CA SER B 300 14.08 -24.50 -9.88
C SER B 300 14.33 -25.18 -8.55
N PHE B 301 15.38 -24.75 -7.87
CA PHE B 301 15.80 -25.34 -6.61
C PHE B 301 15.80 -26.87 -6.69
N GLY B 302 16.32 -27.39 -7.80
CA GLY B 302 16.49 -28.82 -7.98
C GLY B 302 17.85 -29.32 -7.54
N ASN B 303 18.86 -28.45 -7.55
CA ASN B 303 20.22 -28.90 -7.25
C ASN B 303 20.99 -27.84 -6.48
N PRO B 304 21.24 -28.04 -5.18
CA PRO B 304 21.93 -27.04 -4.38
C PRO B 304 23.44 -27.06 -4.52
N PHE B 305 23.99 -28.00 -5.28
CA PHE B 305 25.43 -28.20 -5.37
C PHE B 305 26.06 -27.59 -6.62
N VAL B 306 25.27 -27.22 -7.62
CA VAL B 306 25.79 -26.68 -8.87
C VAL B 306 25.13 -25.33 -9.14
N ASP B 307 25.92 -24.40 -9.65
CA ASP B 307 25.43 -23.09 -10.09
C ASP B 307 25.59 -23.04 -11.60
N GLU B 308 24.47 -22.95 -12.32
CA GLU B 308 24.50 -23.02 -13.79
C GLU B 308 24.71 -21.62 -14.34
N LYS B 309 25.98 -21.28 -14.56
CA LYS B 309 26.32 -19.95 -15.05
C LYS B 309 25.79 -19.69 -16.45
N SER B 310 25.48 -20.73 -17.22
CA SER B 310 24.89 -20.53 -18.55
C SER B 310 23.57 -19.78 -18.46
N ILE B 311 22.87 -19.87 -17.32
CA ILE B 311 21.64 -19.10 -17.16
C ILE B 311 21.94 -17.61 -17.20
N LEU B 312 23.11 -17.20 -16.75
CA LEU B 312 23.47 -15.77 -16.73
C LEU B 312 23.91 -15.24 -18.10
N SER B 313 23.82 -16.05 -19.15
CA SER B 313 24.31 -15.63 -20.47
C SER B 313 23.79 -14.28 -20.93
N PRO B 314 22.52 -13.91 -20.75
CA PRO B 314 22.11 -12.54 -21.16
C PRO B 314 22.93 -11.45 -20.48
N LEU B 315 23.23 -11.58 -19.19
CA LEU B 315 24.04 -10.57 -18.54
C LEU B 315 25.50 -10.65 -18.98
N VAL B 316 26.04 -11.87 -19.08
CA VAL B 316 27.47 -12.02 -19.36
C VAL B 316 27.78 -11.58 -20.80
N GLN B 317 26.89 -11.89 -21.74
CA GLN B 317 27.19 -11.58 -23.14
C GLN B 317 26.84 -10.13 -23.47
N CYS B 318 25.77 -9.59 -22.89
CA CYS B 318 25.33 -8.24 -23.23
C CYS B 318 26.09 -7.18 -22.44
N CYS B 319 26.53 -7.49 -21.23
CA CYS B 319 27.16 -6.53 -20.32
C CYS B 319 26.34 -5.24 -20.25
N ARG B 320 25.04 -5.42 -20.04
CA ARG B 320 24.13 -4.34 -19.71
C ARG B 320 23.33 -4.74 -18.48
N LEU B 321 23.04 -3.74 -17.63
CA LEU B 321 22.37 -4.00 -16.37
C LEU B 321 21.56 -2.77 -15.99
N ARG B 322 20.28 -2.97 -15.71
CA ARG B 322 19.42 -1.87 -15.30
C ARG B 322 19.90 -1.29 -13.97
N SER B 323 19.90 0.04 -13.87
CA SER B 323 20.50 0.71 -12.73
C SER B 323 19.82 0.33 -11.43
N SER B 324 18.48 0.39 -11.39
CA SER B 324 17.75 0.07 -10.17
C SER B 324 18.05 -1.36 -9.71
N THR B 325 18.18 -2.29 -10.65
CA THR B 325 18.57 -3.66 -10.30
C THR B 325 19.95 -3.70 -9.67
N TYR B 326 20.91 -3.00 -10.28
CA TYR B 326 22.26 -2.96 -9.72
C TYR B 326 22.26 -2.39 -8.30
N ASN B 327 21.51 -1.32 -8.07
CA ASN B 327 21.47 -0.71 -6.74
C ASN B 327 20.96 -1.70 -5.70
N ARG B 328 19.92 -2.45 -6.03
CA ARG B 328 19.37 -3.40 -5.06
C ARG B 328 20.32 -4.58 -4.84
N LEU B 329 21.04 -5.01 -5.89
CA LEU B 329 21.98 -6.10 -5.74
C LEU B 329 23.13 -5.76 -4.80
N LYS B 330 23.60 -4.51 -4.82
CA LYS B 330 24.71 -4.16 -3.93
C LYS B 330 24.23 -3.90 -2.51
N ILE B 331 23.01 -3.42 -2.35
CA ILE B 331 22.41 -3.37 -1.03
C ILE B 331 22.28 -4.77 -0.46
N ALA B 332 21.97 -5.75 -1.33
CA ALA B 332 21.77 -7.12 -0.87
C ALA B 332 23.08 -7.76 -0.43
N THR B 333 24.18 -7.48 -1.12
CA THR B 333 25.47 -8.04 -0.73
C THR B 333 26.10 -7.32 0.45
N SER B 334 25.73 -6.06 0.70
CA SER B 334 26.32 -5.28 1.78
C SER B 334 25.45 -5.26 3.03
N ASN B 335 24.27 -5.87 2.99
CA ASN B 335 23.48 -6.01 4.21
C ASN B 335 24.22 -6.89 5.20
N GLU B 336 23.94 -6.69 6.48
CA GLU B 336 24.54 -7.54 7.50
C GLU B 336 23.90 -8.91 7.54
N ASN B 337 22.67 -9.04 7.07
CA ASN B 337 22.02 -10.35 6.90
C ASN B 337 22.06 -10.74 5.44
N SER B 338 22.53 -11.97 5.17
CA SER B 338 22.66 -12.45 3.81
C SER B 338 21.29 -12.58 3.14
N LEU B 339 21.32 -12.70 1.81
CA LEU B 339 20.09 -12.85 1.04
C LEU B 339 19.26 -14.02 1.53
N SER B 340 19.91 -15.15 1.87
CA SER B 340 19.16 -16.33 2.27
C SER B 340 18.59 -16.21 3.67
N VAL B 341 19.27 -15.50 4.58
CA VAL B 341 18.72 -15.28 5.91
C VAL B 341 17.44 -14.46 5.82
N LEU B 342 17.47 -13.40 5.01
CA LEU B 342 16.29 -12.59 4.82
C LEU B 342 15.19 -13.36 4.09
N LEU B 343 15.57 -14.22 3.14
CA LEU B 343 14.55 -14.96 2.40
C LEU B 343 13.82 -15.95 3.30
N ASP B 344 14.56 -16.69 4.13
CA ASP B 344 13.89 -17.69 4.95
C ASP B 344 13.00 -17.05 6.01
N LYS B 345 13.30 -15.83 6.44
CA LYS B 345 12.39 -15.12 7.33
C LYS B 345 11.04 -14.89 6.66
N ARG B 346 11.05 -14.56 5.37
CA ARG B 346 9.78 -14.42 4.67
C ARG B 346 9.14 -15.78 4.42
N LEU B 347 9.93 -16.83 4.18
CA LEU B 347 9.34 -18.13 3.91
C LEU B 347 8.68 -18.72 5.15
N SER B 348 9.11 -18.30 6.34
CA SER B 348 8.58 -18.86 7.58
C SER B 348 7.12 -18.52 7.83
N ILE B 349 6.54 -17.59 7.05
CA ILE B 349 5.11 -17.32 7.19
C ILE B 349 4.25 -18.28 6.38
N ASP B 350 4.85 -19.08 5.47
CA ASP B 350 3.98 -19.86 4.62
C ASP B 350 3.50 -21.11 5.35
N PRO B 351 2.26 -21.54 5.13
CA PRO B 351 1.71 -22.64 5.93
C PRO B 351 2.45 -23.96 5.80
N ILE B 352 3.20 -24.20 4.73
CA ILE B 352 3.85 -25.50 4.57
C ILE B 352 5.35 -25.41 4.82
N TYR B 353 5.81 -24.33 5.44
CA TYR B 353 7.20 -24.16 5.86
C TYR B 353 7.66 -25.32 6.75
N PRO B 354 8.93 -25.76 6.64
CA PRO B 354 10.08 -25.35 5.80
C PRO B 354 9.87 -25.48 4.29
N ILE B 355 10.32 -24.47 3.55
CA ILE B 355 10.15 -24.43 2.10
C ILE B 355 11.38 -24.97 1.38
N LEU B 356 12.57 -24.59 1.83
CA LEU B 356 13.83 -25.03 1.24
C LEU B 356 14.73 -25.60 2.32
N THR B 357 15.52 -26.62 1.96
CA THR B 357 16.57 -27.08 2.84
C THR B 357 17.70 -26.05 2.90
N SER B 358 18.51 -26.12 3.96
CA SER B 358 19.53 -25.11 4.16
C SER B 358 20.56 -25.06 3.04
N ASP B 359 20.72 -26.15 2.27
CA ASP B 359 21.69 -26.14 1.19
C ASP B 359 21.28 -25.19 0.06
N HIS B 360 19.98 -25.14 -0.26
CA HIS B 360 19.51 -24.21 -1.29
C HIS B 360 19.63 -22.77 -0.83
N LEU B 361 19.38 -22.54 0.46
CA LEU B 361 19.55 -21.20 1.01
C LEU B 361 20.99 -20.74 0.89
N LEU B 362 21.95 -21.61 1.23
CA LEU B 362 23.34 -21.18 1.11
C LEU B 362 23.76 -21.08 -0.36
N ALA B 363 23.14 -21.86 -1.25
CA ALA B 363 23.44 -21.74 -2.67
C ALA B 363 23.04 -20.36 -3.19
N LEU B 364 21.93 -19.81 -2.69
CA LEU B 364 21.52 -18.46 -3.04
C LEU B 364 22.61 -17.45 -2.74
N ASP B 365 23.17 -17.49 -1.53
CA ASP B 365 24.20 -16.53 -1.16
C ASP B 365 25.45 -16.72 -2.00
N ARG B 366 25.82 -17.98 -2.27
CA ARG B 366 26.96 -18.24 -3.16
C ARG B 366 26.72 -17.66 -4.54
N ARG B 367 25.51 -17.84 -5.09
CA ARG B 367 25.24 -17.38 -6.45
C ARG B 367 25.09 -15.88 -6.55
N LEU B 368 24.68 -15.22 -5.46
CA LEU B 368 24.62 -13.77 -5.48
C LEU B 368 26.01 -13.18 -5.69
N LEU B 369 27.02 -13.80 -5.07
CA LEU B 369 28.40 -13.38 -5.28
C LEU B 369 28.84 -13.61 -6.72
N LEU B 370 28.43 -14.73 -7.32
CA LEU B 370 28.77 -14.99 -8.72
C LEU B 370 28.13 -13.97 -9.66
N VAL B 371 26.94 -13.48 -9.32
CA VAL B 371 26.33 -12.42 -10.12
C VAL B 371 27.14 -11.14 -10.01
N GLN B 372 27.56 -10.79 -8.79
CA GLN B 372 28.43 -9.64 -8.58
C GLN B 372 29.71 -9.74 -9.41
N ASP B 373 30.33 -10.92 -9.43
CA ASP B 373 31.55 -11.12 -10.22
C ASP B 373 31.29 -10.88 -11.69
N ALA B 374 30.20 -11.45 -12.23
CA ALA B 374 29.89 -11.26 -13.64
C ALA B 374 29.67 -9.78 -13.94
N VAL B 375 29.06 -9.05 -13.01
CA VAL B 375 28.84 -7.63 -13.19
C VAL B 375 30.16 -6.88 -13.23
N GLU B 376 31.09 -7.23 -12.33
CA GLU B 376 32.39 -6.58 -12.30
C GLU B 376 33.20 -6.85 -13.56
N LYS B 377 33.10 -8.07 -14.11
CA LYS B 377 33.81 -8.36 -15.34
C LYS B 377 33.28 -7.53 -16.51
N CYS B 378 31.97 -7.28 -16.53
CA CYS B 378 31.42 -6.34 -17.48
C CYS B 378 31.99 -4.93 -17.24
N PHE B 379 32.19 -4.57 -15.97
CA PHE B 379 32.78 -3.26 -15.67
C PHE B 379 34.21 -3.17 -16.21
N LYS B 380 34.99 -4.25 -16.07
CA LYS B 380 36.38 -4.21 -16.50
C LYS B 380 36.50 -4.00 -17.99
N GLU B 381 35.62 -4.62 -18.75
CA GLU B 381 35.81 -4.76 -20.17
C GLU B 381 34.92 -3.81 -20.97
N LYS B 382 34.06 -3.04 -20.32
CA LYS B 382 33.32 -1.98 -21.01
C LYS B 382 33.19 -0.70 -20.21
N ASN B 383 33.67 -0.65 -18.97
CA ASN B 383 33.57 0.51 -18.08
C ASN B 383 32.15 0.70 -17.56
N LYS B 384 32.06 1.04 -16.27
CA LYS B 384 30.79 1.06 -15.54
C LYS B 384 29.73 1.88 -16.25
N GLU B 385 30.07 3.09 -16.68
CA GLU B 385 29.06 3.99 -17.22
C GLU B 385 28.52 3.58 -18.59
N ASN B 386 29.07 2.54 -19.21
CA ASN B 386 28.49 1.89 -20.37
C ASN B 386 27.82 0.56 -20.03
N VAL B 387 27.94 0.08 -18.80
CA VAL B 387 27.30 -1.17 -18.40
C VAL B 387 25.97 -0.92 -17.69
N ILE B 388 25.96 0.03 -16.77
CA ILE B 388 24.76 0.41 -16.01
C ILE B 388 23.91 1.34 -16.86
N ILE B 389 22.69 0.92 -17.17
CA ILE B 389 21.76 1.72 -17.95
C ILE B 389 20.67 2.22 -17.00
N GLU B 390 20.56 3.54 -16.87
CA GLU B 390 19.49 4.15 -16.10
C GLU B 390 18.33 4.43 -17.05
N ASP B 391 17.37 3.51 -17.12
CA ASP B 391 16.17 3.69 -17.91
C ASP B 391 14.96 4.07 -17.06
N HIS B 392 15.18 4.40 -15.78
CA HIS B 392 14.16 4.87 -14.85
C HIS B 392 13.14 3.79 -14.51
N LEU B 393 13.50 2.53 -14.71
CA LEU B 393 12.66 1.41 -14.32
C LEU B 393 13.34 0.58 -13.23
C1 NAG C . -35.35 5.26 23.82
C2 NAG C . -36.18 4.17 24.67
C3 NAG C . -37.63 4.58 24.93
C4 NAG C . -37.78 6.03 25.34
C5 NAG C . -37.19 6.88 24.25
C6 NAG C . -37.27 8.36 24.56
C7 NAG C . -35.16 2.01 23.96
C8 NAG C . -35.45 0.69 23.29
N2 NAG C . -36.18 2.86 24.04
O3 NAG C . -38.21 3.75 25.93
O4 NAG C . -39.16 6.36 25.46
O5 NAG C . -35.81 6.59 24.12
O6 NAG C . -37.26 9.14 23.37
O7 NAG C . -34.04 2.28 24.37
C1 NAG D . 15.26 8.36 8.54
C2 NAG D . 16.42 7.41 8.11
C3 NAG D . 16.33 6.10 8.93
C4 NAG D . 16.18 6.37 10.42
C5 NAG D . 15.06 7.38 10.68
C6 NAG D . 14.94 7.81 12.12
C7 NAG D . 17.43 6.74 5.97
C8 NAG D . 17.17 6.44 4.52
N2 NAG D . 16.35 7.10 6.69
O3 NAG D . 17.46 5.28 8.68
O4 NAG D . 15.87 5.17 11.11
O5 NAG D . 15.31 8.56 9.92
O6 NAG D . 14.06 8.92 12.25
O7 NAG D . 18.54 6.69 6.45
C1 NAG E . -6.53 -41.43 7.31
C2 NAG E . -7.93 -40.78 7.44
C3 NAG E . -8.63 -41.36 8.70
C4 NAG E . -8.61 -42.89 8.73
C5 NAG E . -7.19 -43.40 8.47
C6 NAG E . -7.01 -44.91 8.36
C7 NAG E . -8.31 -38.53 6.59
C8 NAG E . -8.12 -37.04 6.82
N2 NAG E . -7.81 -39.35 7.54
O3 NAG E . -9.96 -40.85 8.80
O4 NAG E . -9.02 -43.40 10.01
O5 NAG E . -6.68 -42.84 7.24
O6 NAG E . -5.63 -45.20 8.49
O7 NAG E . -8.87 -38.96 5.60
C1 NAG F . -0.95 4.78 -18.00
C2 NAG F . -2.28 4.25 -17.46
C3 NAG F . -3.26 5.40 -17.22
C4 NAG F . -2.62 6.48 -16.37
C5 NAG F . -1.30 6.93 -16.97
C6 NAG F . -0.56 7.94 -16.13
C7 NAG F . -3.86 2.45 -18.07
C8 NAG F . -4.30 1.52 -19.16
N2 NAG F . -2.85 3.27 -18.38
O3 NAG F . -4.44 4.91 -16.57
O4 NAG F . -3.49 7.60 -16.26
O5 NAG F . -0.43 5.79 -17.11
O6 NAG F . -0.21 7.41 -14.85
O7 NAG F . -4.39 2.46 -16.96
#